data_4K5Y
#
_entry.id   4K5Y
#
_cell.length_a   86.559
_cell.length_b   123.968
_cell.length_c   166.834
_cell.angle_alpha   90.00
_cell.angle_beta   90.00
_cell.angle_gamma   90.00
#
_symmetry.space_group_name_H-M   'P 2 21 21'
#
loop_
_entity.id
_entity.type
_entity.pdbx_description
1 polymer 'Corticotropin-releasing factor receptor 1, T4-Lysozyme chimeric construct'
2 non-polymer 3,6-dimethyl-N-(pentan-3-yl)-2-(2,4,6-trimethylphenoxy)pyridin-4-amine
3 non-polymer 'OLEIC ACID'
4 non-polymer '(2R)-2,3-dihydroxypropyl (9Z)-octadec-9-enoate'
5 non-polymer 'SULFATE ION'
6 non-polymer '(1R)-2-{[(S)-{[(2S)-2,3-dihydroxypropyl]oxy}(hydroxy)phosphoryl]oxy}-1-[(hexadecanoyloxy)methyl]ethyl (9Z)-octadec-9-enoate'
7 non-polymer 'PENTAETHYLENE GLYCOL'
8 water water
#
_entity_poly.entity_id   1
_entity_poly.type   'polypeptide(L)'
_entity_poly.pdbx_seq_one_letter_code
;MEILNEEKKSKVHYHVAAIINYLGHCISLVALLVAFVLFLRARSIRCLRNIIHANLIAAFILRNATWFVVQLTMSPEVHQ
SNVGWCRLVTAAYNYFHVTNFFWMFGEGCYLHTAIVLTNIFEMLRIDEGLRLKIYKDTEGYYTIGIGHLLTKSPSLSVAK
SELDKAIGRNSNGVITKDEAEKLFNQDVDAAVRGILRNAKLKPVYDSLDAVRRSALINMVFQMGETGVAGFTNSLRMLQQ
KRWDEAAVNLAKSRWYNQTPNRAKRVIATFRTGTWDAYDRLRAWMFICIGWGVPFPIIVAWAIGKLYYDNEKCWAGKRPG
VYTDYIYQGPMALVLLINFIFLFNIVRILMTKLRASTTSETIQARKAVKATLVLLPLLGITYMLAFVNPGEDEVSRVVFI
YFNAFLESFQGFFVSVFACFLNSEVRSAAAAHHHHHHHHHH
;
_entity_poly.pdbx_strand_id   A,B,C
#
# COMPACT_ATOMS: atom_id res chain seq x y z
N HIS A 13 14.61 29.11 -15.57
CA HIS A 13 14.23 28.79 -14.18
C HIS A 13 13.73 27.35 -14.05
N TYR A 14 13.12 26.83 -15.12
CA TYR A 14 12.41 25.55 -15.07
C TYR A 14 13.40 24.42 -14.68
N HIS A 15 14.60 24.50 -15.26
CA HIS A 15 15.72 23.65 -14.92
C HIS A 15 16.11 23.78 -13.44
N VAL A 16 16.09 25.00 -12.91
CA VAL A 16 16.32 25.22 -11.48
C VAL A 16 15.29 24.49 -10.62
N ALA A 17 14.02 24.61 -10.97
CA ALA A 17 12.94 23.96 -10.24
C ALA A 17 13.05 22.42 -10.28
N ALA A 18 13.43 21.88 -11.43
CA ALA A 18 13.73 20.46 -11.60
C ALA A 18 14.87 19.96 -10.72
N ILE A 19 15.96 20.74 -10.68
CA ILE A 19 17.17 20.44 -9.87
C ILE A 19 16.86 20.39 -8.39
N ILE A 20 16.08 21.38 -7.94
CA ILE A 20 15.58 21.46 -6.58
C ILE A 20 14.69 20.27 -6.26
N ASN A 21 13.78 19.91 -7.19
CA ASN A 21 12.94 18.74 -6.99
C ASN A 21 13.73 17.42 -6.84
N TYR A 22 14.72 17.18 -7.68
CA TYR A 22 15.50 15.97 -7.57
C TYR A 22 16.32 15.99 -6.28
N LEU A 23 16.86 17.15 -5.95
CA LEU A 23 17.63 17.31 -4.74
C LEU A 23 16.82 17.05 -3.47
N GLY A 24 15.65 17.62 -3.43
CA GLY A 24 14.74 17.45 -2.34
C GLY A 24 14.28 16.06 -2.16
N HIS A 25 13.88 15.43 -3.25
CA HIS A 25 13.40 14.08 -3.22
C HIS A 25 14.46 13.13 -2.70
N CYS A 26 15.70 13.35 -3.11
CA CYS A 26 16.82 12.61 -2.57
C CYS A 26 16.95 12.78 -1.08
N ILE A 27 16.95 14.03 -0.62
CA ILE A 27 17.01 14.35 0.79
C ILE A 27 15.87 13.76 1.59
N SER A 28 14.61 14.03 1.21
CA SER A 28 13.52 13.40 1.89
C SER A 28 13.59 11.88 1.90
N LEU A 29 13.92 11.24 0.79
CA LEU A 29 14.03 9.77 0.77
C LEU A 29 15.01 9.20 1.77
N VAL A 30 16.20 9.77 1.82
CA VAL A 30 17.20 9.39 2.81
C VAL A 30 16.72 9.61 4.23
N ALA A 31 16.11 10.75 4.48
CA ALA A 31 15.56 11.10 5.78
C ALA A 31 14.53 10.11 6.29
N LEU A 32 13.59 9.78 5.41
CA LEU A 32 12.55 8.79 5.66
C LEU A 32 13.14 7.43 6.00
N LEU A 33 14.09 6.99 5.22
CA LEU A 33 14.74 5.72 5.41
C LEU A 33 15.47 5.67 6.74
N VAL A 34 16.10 6.77 7.13
CA VAL A 34 16.78 6.83 8.42
C VAL A 34 15.78 6.74 9.56
N ALA A 35 14.66 7.43 9.42
CA ALA A 35 13.59 7.42 10.42
C ALA A 35 12.97 6.04 10.58
N PHE A 36 12.79 5.36 9.48
CA PHE A 36 12.23 4.04 9.45
C PHE A 36 13.09 3.04 10.21
N VAL A 37 14.39 3.05 9.95
CA VAL A 37 15.33 2.18 10.63
C VAL A 37 15.34 2.47 12.10
N LEU A 38 15.30 3.74 12.46
CA LEU A 38 15.18 4.14 13.84
C LEU A 38 13.98 3.49 14.54
N PHE A 39 12.81 3.57 13.94
CA PHE A 39 11.62 3.00 14.52
C PHE A 39 11.69 1.47 14.62
N LEU A 40 12.25 0.81 13.61
CA LEU A 40 12.45 -0.63 13.68
C LEU A 40 13.40 -1.05 14.79
N ARG A 41 14.50 -0.31 15.00
CA ARG A 41 15.47 -0.67 16.04
C ARG A 41 14.90 -0.56 17.44
N ALA A 42 14.17 0.53 17.66
CA ALA A 42 13.48 0.78 18.92
C ALA A 42 12.72 -0.47 19.47
N ARG A 43 12.81 -0.67 20.79
CA ARG A 43 12.01 -1.68 21.45
C ARG A 43 10.55 -1.21 21.59
N SER A 44 10.35 0.07 21.35
CA SER A 44 9.03 0.67 21.46
C SER A 44 8.18 0.44 20.21
N ILE A 45 8.75 -0.24 19.19
CA ILE A 45 8.00 -0.58 17.96
C ILE A 45 6.71 -1.38 18.26
N ARG A 46 6.75 -2.04 19.42
CA ARG A 46 5.60 -2.68 20.08
C ARG A 46 4.41 -1.72 20.44
N CYS A 47 4.70 -0.51 20.92
CA CYS A 47 3.67 0.52 21.19
C CYS A 47 2.82 0.83 19.95
N LEU A 48 1.55 1.14 20.13
CA LEU A 48 0.70 1.52 19.01
C LEU A 48 1.14 2.81 18.32
N ARG A 49 1.74 3.72 19.08
CA ARG A 49 2.22 4.98 18.51
C ARG A 49 3.21 4.72 17.41
N ASN A 50 4.22 3.91 17.73
CA ASN A 50 5.29 3.61 16.83
C ASN A 50 4.85 2.76 15.64
N ILE A 51 3.85 1.90 15.81
CA ILE A 51 3.39 1.08 14.67
C ILE A 51 2.82 1.96 13.58
N ILE A 52 1.99 2.91 13.99
CA ILE A 52 1.44 3.90 13.09
C ILE A 52 2.53 4.77 12.44
N HIS A 53 3.51 5.24 13.21
CA HIS A 53 4.57 6.10 12.69
C HIS A 53 5.43 5.39 11.69
N ALA A 54 5.81 4.18 12.00
CA ALA A 54 6.59 3.35 11.11
C ALA A 54 5.87 3.05 9.80
N ASN A 55 4.62 2.70 9.87
CA ASN A 55 3.80 2.50 8.68
C ASN A 55 3.62 3.79 7.91
N LEU A 56 3.45 4.89 8.61
CA LEU A 56 3.36 6.21 8.00
C LEU A 56 4.65 6.58 7.27
N ILE A 57 5.79 6.32 7.87
CA ILE A 57 7.06 6.52 7.21
C ILE A 57 7.22 5.65 5.98
N ALA A 58 6.87 4.37 6.07
CA ALA A 58 6.92 3.45 4.95
C ALA A 58 6.08 3.93 3.82
N ALA A 59 4.89 4.37 4.11
CA ALA A 59 4.00 4.87 3.08
C ALA A 59 4.59 6.04 2.29
N PHE A 60 5.14 7.00 3.04
CA PHE A 60 5.97 8.07 2.51
C PHE A 60 7.23 7.60 1.77
N ILE A 61 7.94 6.56 2.24
CA ILE A 61 9.14 6.10 1.54
C ILE A 61 8.79 5.64 0.17
N LEU A 62 7.75 4.84 0.09
CA LEU A 62 7.32 4.27 -1.16
C LEU A 62 6.99 5.33 -2.17
N ARG A 63 6.30 6.36 -1.77
CA ARG A 63 6.00 7.41 -2.71
C ARG A 63 7.23 8.13 -3.28
N ASN A 64 8.19 8.49 -2.45
CA ASN A 64 9.45 9.10 -2.89
C ASN A 64 10.26 8.26 -3.85
N ALA A 65 10.35 6.97 -3.59
CA ALA A 65 11.05 6.08 -4.48
C ALA A 65 10.36 5.97 -5.83
N THR A 66 9.04 5.88 -5.81
CA THR A 66 8.23 5.84 -7.02
C THR A 66 8.33 7.09 -7.83
N TRP A 67 8.53 8.22 -7.16
CA TRP A 67 8.78 9.50 -7.83
C TRP A 67 9.92 9.37 -8.83
N PHE A 68 11.03 8.80 -8.42
CA PHE A 68 12.15 8.63 -9.32
C PHE A 68 11.81 7.76 -10.56
N VAL A 69 11.02 6.71 -10.36
CA VAL A 69 10.47 5.92 -11.48
C VAL A 69 9.57 6.77 -12.44
N VAL A 70 8.68 7.55 -11.84
CA VAL A 70 7.76 8.44 -12.53
C VAL A 70 8.50 9.42 -13.43
N GLN A 71 9.64 9.87 -12.95
CA GLN A 71 10.55 10.70 -13.74
C GLN A 71 10.90 10.04 -15.08
N LEU A 72 11.15 8.72 -15.07
CA LEU A 72 11.40 8.00 -16.35
C LEU A 72 10.18 8.04 -17.29
N THR A 73 8.95 7.96 -16.74
CA THR A 73 7.74 8.02 -17.57
C THR A 73 7.55 9.30 -18.39
N MET A 74 8.11 10.37 -17.83
CA MET A 74 7.96 11.75 -18.25
C MET A 74 8.49 12.01 -19.64
N SER A 75 9.58 11.32 -20.00
CA SER A 75 10.22 11.58 -21.28
C SER A 75 9.16 11.39 -22.34
N PRO A 76 9.19 12.34 -23.37
CA PRO A 76 7.95 12.36 -24.16
C PRO A 76 7.64 11.03 -24.84
N GLU A 77 8.66 10.36 -25.36
CA GLU A 77 8.40 9.26 -26.27
C GLU A 77 7.63 8.08 -25.60
N VAL A 78 7.96 7.83 -24.30
CA VAL A 78 7.25 6.90 -23.38
C VAL A 78 5.87 7.35 -22.94
N HIS A 79 5.76 8.67 -22.72
CA HIS A 79 4.53 9.34 -22.33
C HIS A 79 3.49 9.20 -23.39
N GLN A 80 3.91 9.35 -24.63
CA GLN A 80 3.04 9.23 -25.77
C GLN A 80 2.59 7.79 -26.01
N SER A 81 3.57 6.88 -25.97
CA SER A 81 3.33 5.47 -26.31
C SER A 81 2.32 4.77 -25.40
N ASN A 82 2.26 5.22 -24.16
CA ASN A 82 1.38 4.68 -23.15
C ASN A 82 1.62 3.20 -23.03
N VAL A 83 2.86 2.84 -22.77
CA VAL A 83 3.22 1.45 -22.56
C VAL A 83 2.60 0.92 -21.28
N GLY A 84 2.49 -0.40 -21.18
CA GLY A 84 1.88 -1.03 -20.04
C GLY A 84 2.56 -0.67 -18.74
N TRP A 85 3.87 -0.82 -18.63
CA TRP A 85 4.57 -0.51 -17.40
C TRP A 85 4.44 0.95 -16.99
N CYS A 86 4.31 1.84 -17.97
CA CYS A 86 4.10 3.26 -17.73
C CYS A 86 2.84 3.49 -16.92
N ARG A 87 1.77 2.86 -17.33
CA ARG A 87 0.50 2.95 -16.65
C ARG A 87 0.55 2.44 -15.20
N LEU A 88 1.25 1.32 -14.99
CA LEU A 88 1.50 0.75 -13.65
C LEU A 88 2.22 1.73 -12.69
N VAL A 89 3.28 2.36 -13.16
CA VAL A 89 3.98 3.36 -12.41
C VAL A 89 3.10 4.54 -11.97
N THR A 90 2.30 5.06 -12.89
CA THR A 90 1.37 6.16 -12.60
C THR A 90 0.35 5.76 -11.53
N ALA A 91 -0.24 4.58 -11.70
CA ALA A 91 -1.18 4.03 -10.73
C ALA A 91 -0.52 3.80 -9.39
N ALA A 92 0.66 3.21 -9.39
CA ALA A 92 1.40 2.97 -8.17
C ALA A 92 1.70 4.24 -7.43
N TYR A 93 2.15 5.25 -8.14
CA TYR A 93 2.50 6.51 -7.56
C TYR A 93 1.28 7.19 -6.95
N ASN A 94 0.16 7.12 -7.65
CA ASN A 94 -1.09 7.61 -7.13
C ASN A 94 -1.58 6.83 -5.91
N TYR A 95 -1.46 5.50 -5.94
CA TYR A 95 -1.83 4.66 -4.79
C TYR A 95 -1.17 5.10 -3.50
N PHE A 96 0.16 5.28 -3.56
CA PHE A 96 0.96 5.78 -2.48
C PHE A 96 0.59 7.21 -2.06
N HIS A 97 -0.07 7.94 -2.94
CA HIS A 97 -0.50 9.28 -2.65
C HIS A 97 -1.68 9.25 -1.71
N VAL A 98 -2.56 8.31 -1.96
CA VAL A 98 -3.71 8.10 -1.14
C VAL A 98 -3.30 7.48 0.18
N THR A 99 -2.29 6.63 0.13
CA THR A 99 -1.73 5.96 1.29
C THR A 99 -1.21 6.95 2.29
N ASN A 100 -0.54 7.95 1.80
CA ASN A 100 -0.08 9.07 2.60
C ASN A 100 -1.19 9.78 3.36
N PHE A 101 -2.24 10.15 2.65
CA PHE A 101 -3.40 10.79 3.24
C PHE A 101 -4.06 9.92 4.29
N PHE A 102 -4.34 8.68 3.95
CA PHE A 102 -4.99 7.77 4.85
C PHE A 102 -4.15 7.42 6.08
N TRP A 103 -2.84 7.23 5.94
CA TRP A 103 -1.94 7.11 7.11
C TRP A 103 -1.91 8.33 8.02
N MET A 104 -1.90 9.52 7.46
CA MET A 104 -2.04 10.73 8.26
C MET A 104 -3.37 10.75 9.03
N PHE A 105 -4.42 10.30 8.35
CA PHE A 105 -5.74 10.08 8.94
C PHE A 105 -5.71 8.99 10.02
N GLY A 106 -4.85 8.02 9.84
CA GLY A 106 -4.49 7.06 10.83
C GLY A 106 -4.03 7.69 12.10
N GLU A 107 -3.04 8.57 12.06
CA GLU A 107 -2.58 9.27 13.24
C GLU A 107 -3.66 10.08 13.90
N GLY A 108 -4.54 10.65 13.10
CA GLY A 108 -5.62 11.42 13.64
C GLY A 108 -6.71 10.67 14.31
N CYS A 109 -6.96 9.44 13.87
CA CYS A 109 -7.92 8.59 14.55
C CYS A 109 -7.37 8.16 15.89
N TYR A 110 -6.09 7.80 15.90
CA TYR A 110 -5.40 7.41 17.12
C TYR A 110 -5.39 8.52 18.15
N LEU A 111 -5.03 9.72 17.75
CA LEU A 111 -4.92 10.81 18.67
C LEU A 111 -6.24 11.15 19.32
N HIS A 112 -7.27 11.19 18.49
CA HIS A 112 -8.61 11.47 18.93
C HIS A 112 -9.16 10.44 19.92
N THR A 113 -8.94 9.17 19.60
CA THR A 113 -9.32 8.04 20.44
C THR A 113 -8.47 8.01 21.71
N ALA A 114 -7.24 8.43 21.60
CA ALA A 114 -6.31 8.46 22.71
C ALA A 114 -6.81 9.35 23.84
N ILE A 115 -7.33 10.51 23.48
CA ILE A 115 -7.85 11.43 24.48
C ILE A 115 -9.24 10.96 24.99
N VAL A 116 -10.19 10.75 24.09
CA VAL A 116 -11.54 10.34 24.48
C VAL A 116 -11.61 8.99 25.26
N LEU A 117 -10.84 7.97 24.87
CA LEU A 117 -10.91 6.63 25.47
C LEU A 117 -9.59 6.19 26.13
N THR A 118 -9.69 5.74 27.38
CA THR A 118 -8.58 5.19 28.15
C THR A 118 -8.12 3.80 27.67
N ASN A 119 -6.88 3.47 28.01
CA ASN A 119 -6.24 2.19 27.69
C ASN A 119 -6.97 1.01 28.27
N ILE A 120 -7.34 1.12 29.53
CA ILE A 120 -8.06 0.06 30.22
C ILE A 120 -9.44 -0.18 29.58
N PHE A 121 -10.07 0.89 29.06
CA PHE A 121 -11.30 0.72 28.29
C PHE A 121 -11.06 -0.16 27.07
N GLU A 122 -10.06 0.19 26.28
CA GLU A 122 -9.74 -0.58 25.08
C GLU A 122 -9.37 -2.04 25.33
N MET A 123 -8.63 -2.29 26.40
CA MET A 123 -8.26 -3.63 26.75
C MET A 123 -9.47 -4.52 27.00
N LEU A 124 -10.42 -4.02 27.77
CA LEU A 124 -11.57 -4.81 28.11
C LEU A 124 -12.69 -4.68 27.12
N ARG A 125 -12.40 -4.18 25.93
CA ARG A 125 -13.39 -4.08 24.89
C ARG A 125 -13.06 -5.12 23.86
N ILE A 126 -11.82 -5.55 23.92
CA ILE A 126 -11.33 -6.59 23.09
C ILE A 126 -11.60 -7.92 23.78
N ASP A 127 -11.44 -7.91 25.10
CA ASP A 127 -11.55 -9.11 25.92
C ASP A 127 -12.98 -9.51 26.34
N GLU A 128 -13.84 -8.59 26.78
CA GLU A 128 -15.23 -8.97 27.09
C GLU A 128 -16.23 -8.55 26.02
N GLY A 129 -15.92 -7.53 25.23
CA GLY A 129 -16.83 -7.11 24.20
C GLY A 129 -17.68 -5.95 24.57
N LEU A 130 -17.92 -5.04 23.61
CA LEU A 130 -18.70 -3.80 23.77
C LEU A 130 -20.05 -3.82 23.04
N ARG A 131 -21.16 -3.83 23.78
CA ARG A 131 -22.48 -3.82 23.15
C ARG A 131 -23.26 -2.55 23.57
N LEU A 132 -23.54 -1.70 22.58
CA LEU A 132 -24.03 -0.34 22.82
C LEU A 132 -25.54 -0.29 23.08
N LYS A 133 -26.19 -1.44 22.83
CA LYS A 133 -27.64 -1.60 23.00
C LYS A 133 -27.94 -2.47 24.22
N ILE A 134 -29.13 -2.31 24.82
CA ILE A 134 -29.51 -3.14 25.95
C ILE A 134 -29.74 -4.57 25.48
N TYR A 135 -29.08 -5.51 26.16
CA TYR A 135 -29.25 -6.91 25.89
C TYR A 135 -29.39 -7.65 27.20
N LYS A 136 -29.98 -8.83 27.16
CA LYS A 136 -30.07 -9.69 28.33
C LYS A 136 -28.86 -10.63 28.43
N ASP A 137 -28.19 -10.64 29.58
CA ASP A 137 -27.08 -11.54 29.80
C ASP A 137 -27.53 -13.01 29.91
N THR A 138 -26.58 -13.89 30.25
CA THR A 138 -26.77 -15.35 30.25
C THR A 138 -27.91 -15.83 31.16
N GLU A 139 -28.05 -15.17 32.31
CA GLU A 139 -29.08 -15.50 33.25
C GLU A 139 -30.30 -14.58 33.16
N GLY A 140 -30.27 -13.68 32.17
CA GLY A 140 -31.46 -12.99 31.79
C GLY A 140 -31.61 -11.63 32.35
N TYR A 141 -30.59 -11.13 33.05
CA TYR A 141 -30.57 -9.76 33.58
C TYR A 141 -30.12 -8.77 32.51
N TYR A 142 -30.72 -7.58 32.48
CA TYR A 142 -30.38 -6.57 31.48
C TYR A 142 -29.00 -5.94 31.72
N THR A 143 -28.19 -5.93 30.66
CA THR A 143 -26.78 -5.59 30.70
C THR A 143 -26.44 -4.79 29.43
N ILE A 144 -25.65 -3.71 29.58
CA ILE A 144 -25.21 -2.90 28.46
C ILE A 144 -23.76 -2.51 28.60
N GLY A 145 -23.02 -2.51 27.51
CA GLY A 145 -21.69 -1.98 27.55
C GLY A 145 -20.67 -3.02 27.67
N ILE A 146 -19.71 -2.84 28.57
CA ILE A 146 -18.70 -3.85 28.81
C ILE A 146 -19.02 -4.59 30.09
N GLY A 147 -20.07 -5.40 30.05
CA GLY A 147 -20.49 -6.15 31.20
C GLY A 147 -21.05 -5.35 32.34
N HIS A 148 -21.90 -4.36 32.08
CA HIS A 148 -22.51 -3.59 33.15
C HIS A 148 -23.97 -3.99 33.31
N LEU A 149 -24.35 -4.43 34.54
CA LEU A 149 -25.71 -4.86 34.85
C LEU A 149 -26.54 -3.69 35.34
N LEU A 150 -27.70 -3.51 34.75
CA LEU A 150 -28.52 -2.37 35.10
C LEU A 150 -29.42 -2.69 36.31
N THR A 151 -30.25 -3.72 36.17
CA THR A 151 -31.08 -4.17 37.27
C THR A 151 -31.61 -5.57 36.96
N LYS A 152 -32.32 -6.16 37.93
CA LYS A 152 -32.76 -7.53 37.83
C LYS A 152 -34.29 -7.62 37.74
N SER A 153 -34.91 -6.57 37.19
CA SER A 153 -36.33 -6.59 36.95
C SER A 153 -36.60 -7.32 35.64
N PRO A 154 -37.70 -8.02 35.45
CA PRO A 154 -37.88 -8.80 34.22
C PRO A 154 -38.37 -7.87 33.10
N SER A 155 -38.78 -6.64 33.47
CA SER A 155 -39.37 -5.69 32.52
C SER A 155 -38.31 -4.72 31.95
N LEU A 156 -38.03 -4.87 30.63
CA LEU A 156 -37.08 -4.02 29.90
C LEU A 156 -37.45 -2.54 30.00
N SER A 157 -38.75 -2.28 30.18
CA SER A 157 -39.25 -0.92 30.40
C SER A 157 -38.57 -0.29 31.63
N VAL A 158 -38.57 -1.06 32.72
CA VAL A 158 -37.88 -0.68 33.94
C VAL A 158 -36.38 -0.51 33.68
N ALA A 159 -35.79 -1.39 32.86
CA ALA A 159 -34.35 -1.33 32.57
C ALA A 159 -33.94 -0.01 31.88
N LYS A 160 -34.72 0.42 30.89
CA LYS A 160 -34.45 1.68 30.21
C LYS A 160 -34.33 2.86 31.21
N SER A 161 -35.23 2.86 32.19
CA SER A 161 -35.20 3.87 33.24
C SER A 161 -33.93 3.78 34.10
N GLU A 162 -33.58 2.55 34.49
CA GLU A 162 -32.42 2.33 35.36
C GLU A 162 -31.11 2.81 34.73
N LEU A 163 -31.05 2.71 33.41
CA LEU A 163 -29.93 3.22 32.66
C LEU A 163 -29.89 4.75 32.70
N ASP A 164 -31.09 5.34 32.60
CA ASP A 164 -31.23 6.79 32.62
C ASP A 164 -30.72 7.42 33.91
N LYS A 165 -31.03 6.83 35.06
CA LYS A 165 -30.49 7.36 36.31
C LYS A 165 -28.94 7.30 36.32
N ALA A 166 -28.41 6.17 35.80
CA ALA A 166 -26.97 5.93 35.76
C ALA A 166 -26.21 6.94 34.91
N ILE A 167 -26.70 7.11 33.68
CA ILE A 167 -26.10 7.98 32.68
C ILE A 167 -26.40 9.46 32.93
N GLY A 168 -27.55 9.71 33.56
CA GLY A 168 -28.05 11.06 33.79
C GLY A 168 -29.18 11.47 32.80
N ARG A 169 -29.23 10.85 31.60
CA ARG A 169 -30.17 11.25 30.56
C ARG A 169 -31.03 10.07 30.08
N ASN A 170 -32.22 10.39 29.51
CA ASN A 170 -33.07 9.38 28.87
C ASN A 170 -32.36 8.70 27.67
N SER A 171 -32.40 7.35 27.66
CA SER A 171 -31.54 6.56 26.79
C SER A 171 -32.28 5.92 25.58
N ASN A 172 -33.54 5.50 25.83
CA ASN A 172 -34.33 4.73 24.85
C ASN A 172 -33.67 3.35 24.51
N GLY A 173 -32.68 2.92 25.32
CA GLY A 173 -32.08 1.60 25.16
C GLY A 173 -30.64 1.60 24.63
N VAL A 174 -30.19 2.76 24.09
CA VAL A 174 -28.92 2.86 23.35
C VAL A 174 -28.06 4.03 23.85
N ILE A 175 -26.83 3.73 24.31
CA ILE A 175 -25.93 4.74 24.88
C ILE A 175 -24.76 5.04 23.96
N THR A 176 -24.34 6.31 23.93
CA THR A 176 -23.17 6.70 23.15
C THR A 176 -21.87 6.01 23.68
N LYS A 177 -20.88 5.81 22.79
CA LYS A 177 -19.57 5.26 23.18
C LYS A 177 -18.91 5.95 24.38
N ASP A 178 -18.99 7.28 24.39
CA ASP A 178 -18.47 8.12 25.48
C ASP A 178 -19.24 7.88 26.80
N GLU A 179 -20.52 7.52 26.67
CA GLU A 179 -21.34 7.16 27.83
C GLU A 179 -20.92 5.78 28.42
N ALA A 180 -20.61 4.81 27.55
CA ALA A 180 -20.18 3.48 27.97
C ALA A 180 -18.90 3.56 28.78
N GLU A 181 -18.04 4.46 28.35
CA GLU A 181 -16.82 4.78 29.05
C GLU A 181 -17.12 5.17 30.52
N LYS A 182 -18.06 6.08 30.76
CA LYS A 182 -18.45 6.46 32.13
C LYS A 182 -18.95 5.29 32.97
N LEU A 183 -19.80 4.44 32.38
CA LEU A 183 -20.25 3.21 33.02
C LEU A 183 -19.09 2.31 33.41
N PHE A 184 -18.20 2.09 32.44
CA PHE A 184 -16.99 1.30 32.62
C PHE A 184 -16.04 1.87 33.71
N ASN A 185 -15.79 3.17 33.67
CA ASN A 185 -14.99 3.83 34.68
C ASN A 185 -15.54 3.62 36.07
N GLN A 186 -16.87 3.73 36.19
CA GLN A 186 -17.55 3.42 37.44
C GLN A 186 -17.28 1.99 37.94
N ASP A 187 -17.39 1.01 37.06
CA ASP A 187 -17.13 -0.37 37.39
C ASP A 187 -15.68 -0.62 37.86
N VAL A 188 -14.73 0.05 37.23
CA VAL A 188 -13.33 -0.04 37.58
C VAL A 188 -13.07 0.42 39.00
N ASP A 189 -13.73 1.52 39.40
CA ASP A 189 -13.65 2.02 40.77
C ASP A 189 -14.22 1.04 41.76
N ALA A 190 -15.35 0.43 41.40
CA ALA A 190 -15.91 -0.63 42.20
C ALA A 190 -14.96 -1.81 42.33
N ALA A 191 -14.32 -2.17 41.24
CA ALA A 191 -13.32 -3.21 41.27
C ALA A 191 -12.15 -2.86 42.17
N VAL A 192 -11.66 -1.64 42.09
CA VAL A 192 -10.60 -1.20 42.96
C VAL A 192 -11.01 -1.25 44.45
N ARG A 193 -12.24 -0.85 44.77
CA ARG A 193 -12.75 -0.87 46.14
C ARG A 193 -12.71 -2.25 46.70
N GLY A 194 -13.15 -3.18 45.89
CA GLY A 194 -13.11 -4.57 46.19
C GLY A 194 -11.72 -5.07 46.36
N ILE A 195 -10.80 -4.61 45.52
CA ILE A 195 -9.43 -5.04 45.61
C ILE A 195 -8.76 -4.55 46.89
N LEU A 196 -8.98 -3.30 47.22
CA LEU A 196 -8.42 -2.70 48.41
C LEU A 196 -8.95 -3.30 49.71
N ARG A 197 -10.24 -3.64 49.75
CA ARG A 197 -10.78 -4.34 50.89
C ARG A 197 -10.24 -5.78 51.07
N ASN A 198 -9.93 -6.45 49.97
CA ASN A 198 -9.31 -7.79 50.02
C ASN A 198 -7.87 -7.83 50.59
N ALA A 199 -7.70 -8.52 51.70
CA ALA A 199 -6.43 -8.64 52.41
C ALA A 199 -5.30 -9.24 51.56
N LYS A 200 -5.66 -10.13 50.66
CA LYS A 200 -4.69 -10.85 49.84
C LYS A 200 -4.22 -10.04 48.64
N LEU A 201 -5.20 -9.44 47.96
CA LEU A 201 -4.98 -8.67 46.77
C LEU A 201 -4.30 -7.34 47.01
N LYS A 202 -4.66 -6.68 48.12
CA LYS A 202 -4.22 -5.30 48.38
C LYS A 202 -2.71 -5.08 48.32
N PRO A 203 -1.82 -5.82 49.01
CA PRO A 203 -0.40 -5.55 48.99
C PRO A 203 0.15 -5.64 47.57
N VAL A 204 -0.35 -6.61 46.83
CA VAL A 204 0.06 -6.85 45.47
C VAL A 204 -0.34 -5.72 44.54
N TYR A 205 -1.59 -5.31 44.64
CA TYR A 205 -2.10 -4.24 43.84
C TYR A 205 -1.35 -2.94 44.09
N ASP A 206 -1.08 -2.65 45.34
CA ASP A 206 -0.40 -1.42 45.69
C ASP A 206 1.04 -1.36 45.16
N SER A 207 1.69 -2.51 45.10
CA SER A 207 3.05 -2.58 44.59
C SER A 207 3.15 -2.48 43.05
N LEU A 208 2.08 -2.86 42.36
CA LEU A 208 2.08 -2.92 40.90
C LEU A 208 1.97 -1.52 40.31
N ASP A 209 2.52 -1.38 39.10
CA ASP A 209 2.42 -0.17 38.33
C ASP A 209 1.11 -0.14 37.59
N ALA A 210 0.81 0.98 36.94
CA ALA A 210 -0.49 1.22 36.35
C ALA A 210 -0.91 0.16 35.31
N VAL A 211 -0.01 -0.24 34.46
CA VAL A 211 -0.38 -1.17 33.42
C VAL A 211 -0.73 -2.54 33.95
N ARG A 212 0.09 -3.01 34.89
CA ARG A 212 -0.13 -4.27 35.57
C ARG A 212 -1.34 -4.26 36.47
N ARG A 213 -1.64 -3.13 37.08
CA ARG A 213 -2.86 -2.99 37.86
C ARG A 213 -4.09 -3.26 37.03
N SER A 214 -4.05 -2.77 35.79
CA SER A 214 -5.07 -3.01 34.80
C SER A 214 -5.24 -4.49 34.50
N ALA A 215 -4.12 -5.20 34.35
CA ALA A 215 -4.14 -6.63 34.17
C ALA A 215 -4.73 -7.38 35.35
N LEU A 216 -4.48 -6.89 36.57
CA LEU A 216 -5.11 -7.42 37.78
C LEU A 216 -6.62 -7.21 37.78
N ILE A 217 -7.05 -5.99 37.40
CA ILE A 217 -8.46 -5.63 37.20
C ILE A 217 -9.14 -6.48 36.13
N ASN A 218 -8.43 -6.78 35.08
CA ASN A 218 -8.89 -7.70 34.05
C ASN A 218 -9.31 -9.05 34.64
N MET A 219 -8.45 -9.66 35.42
CA MET A 219 -8.78 -10.90 36.11
C MET A 219 -9.94 -10.73 37.11
N VAL A 220 -10.01 -9.64 37.84
CA VAL A 220 -11.14 -9.36 38.70
C VAL A 220 -12.47 -9.38 37.97
N PHE A 221 -12.52 -8.81 36.79
CA PHE A 221 -13.74 -8.78 35.99
C PHE A 221 -14.16 -10.18 35.54
N GLN A 222 -13.20 -10.99 35.12
CA GLN A 222 -13.49 -12.34 34.70
C GLN A 222 -13.73 -13.34 35.85
N MET A 223 -12.86 -13.32 36.90
CA MET A 223 -12.92 -14.33 37.98
C MET A 223 -13.64 -13.89 39.26
N GLY A 224 -13.55 -12.62 39.57
CA GLY A 224 -13.99 -12.08 40.83
C GLY A 224 -12.84 -11.91 41.76
N GLU A 225 -13.00 -11.14 42.81
CA GLU A 225 -12.00 -10.98 43.83
C GLU A 225 -11.58 -12.31 44.52
N THR A 226 -12.56 -13.10 44.87
CA THR A 226 -12.33 -14.39 45.50
C THR A 226 -11.53 -15.36 44.61
N GLY A 227 -11.84 -15.35 43.31
CA GLY A 227 -11.18 -16.14 42.32
C GLY A 227 -9.75 -15.78 42.07
N VAL A 228 -9.44 -14.48 42.00
CA VAL A 228 -8.09 -13.98 41.76
C VAL A 228 -7.20 -14.16 43.00
N ALA A 229 -7.82 -14.02 44.17
CA ALA A 229 -7.18 -14.26 45.45
C ALA A 229 -6.58 -15.67 45.56
N GLY A 230 -7.29 -16.65 45.07
CA GLY A 230 -6.79 -18.01 45.00
C GLY A 230 -5.40 -18.28 44.42
N PHE A 231 -4.84 -17.34 43.68
CA PHE A 231 -3.51 -17.47 43.08
C PHE A 231 -2.40 -17.02 44.04
N THR A 232 -2.11 -17.78 45.08
CA THR A 232 -1.24 -17.31 46.15
C THR A 232 0.21 -17.01 45.69
N ASN A 233 0.83 -18.02 45.07
CA ASN A 233 2.22 -17.94 44.65
C ASN A 233 2.48 -16.98 43.44
N SER A 234 1.52 -16.90 42.54
CA SER A 234 1.60 -15.97 41.43
C SER A 234 1.63 -14.51 41.89
N LEU A 235 0.77 -14.19 42.83
CA LEU A 235 0.69 -12.87 43.38
C LEU A 235 1.90 -12.55 44.26
N ARG A 236 2.42 -13.55 44.99
CA ARG A 236 3.66 -13.34 45.76
C ARG A 236 4.78 -12.89 44.83
N MET A 237 5.03 -13.70 43.80
CA MET A 237 5.97 -13.38 42.73
C MET A 237 5.72 -12.03 42.08
N LEU A 238 4.48 -11.76 41.67
CA LEU A 238 4.12 -10.42 41.23
C LEU A 238 4.62 -9.34 42.18
N GLN A 239 4.32 -9.50 43.46
CA GLN A 239 4.75 -8.54 44.45
C GLN A 239 6.26 -8.40 44.56
N GLN A 240 6.99 -9.47 44.34
CA GLN A 240 8.45 -9.41 44.35
C GLN A 240 9.05 -9.08 42.98
N LYS A 241 8.20 -8.62 42.04
CA LYS A 241 8.62 -8.22 40.71
C LYS A 241 9.38 -9.32 39.94
N ARG A 242 8.91 -10.54 40.12
CA ARG A 242 9.46 -11.70 39.46
C ARG A 242 8.62 -12.13 38.26
N TRP A 243 8.48 -11.22 37.29
CA TRP A 243 7.40 -11.28 36.29
C TRP A 243 7.42 -12.54 35.43
N ASP A 244 8.61 -12.93 35.01
CA ASP A 244 8.81 -14.17 34.26
C ASP A 244 8.31 -15.41 34.97
N GLU A 245 8.62 -15.52 36.26
CA GLU A 245 8.18 -16.68 37.06
C GLU A 245 6.67 -16.61 37.42
N ALA A 246 6.17 -15.39 37.59
CA ALA A 246 4.77 -15.18 37.88
C ALA A 246 3.88 -15.61 36.72
N ALA A 247 4.36 -15.38 35.51
CA ALA A 247 3.68 -15.77 34.29
C ALA A 247 3.56 -17.29 34.17
N VAL A 248 4.59 -18.01 34.54
CA VAL A 248 4.56 -19.48 34.46
C VAL A 248 3.44 -20.07 35.30
N ASN A 249 3.26 -19.53 36.51
CA ASN A 249 2.29 -20.03 37.46
C ASN A 249 0.84 -19.71 37.08
N LEU A 250 0.65 -18.53 36.51
CA LEU A 250 -0.65 -18.10 36.04
C LEU A 250 -1.29 -19.06 35.01
N ALA A 251 -0.50 -19.63 34.11
CA ALA A 251 -1.03 -20.57 33.12
C ALA A 251 -1.67 -21.84 33.73
N LYS A 252 -0.97 -22.42 34.68
CA LYS A 252 -1.35 -23.68 35.27
C LYS A 252 -2.79 -23.74 35.80
N SER A 253 -3.30 -22.58 36.20
CA SER A 253 -4.68 -22.46 36.59
C SER A 253 -5.48 -22.74 35.34
N ARG A 254 -6.66 -23.33 35.51
CA ARG A 254 -7.46 -23.72 34.37
C ARG A 254 -8.08 -22.55 33.63
N TRP A 255 -7.83 -21.34 34.13
CA TRP A 255 -8.50 -20.16 33.61
C TRP A 255 -7.95 -20.12 32.20
N TYR A 256 -6.67 -20.41 32.14
CA TYR A 256 -5.92 -20.45 30.92
C TYR A 256 -6.48 -21.49 29.95
N ASN A 257 -6.81 -22.65 30.45
CA ASN A 257 -7.26 -23.73 29.61
C ASN A 257 -8.60 -23.39 28.97
N GLN A 258 -9.52 -22.86 29.76
CA GLN A 258 -10.81 -22.51 29.22
C GLN A 258 -10.80 -21.31 28.23
N THR A 259 -9.95 -20.28 28.49
CA THR A 259 -9.93 -19.08 27.63
C THR A 259 -8.50 -18.68 27.34
N PRO A 260 -7.80 -19.46 26.53
CA PRO A 260 -6.40 -19.26 26.27
C PRO A 260 -6.01 -17.87 25.82
N ASN A 261 -6.73 -17.33 24.85
CA ASN A 261 -6.35 -16.08 24.19
C ASN A 261 -6.31 -14.88 25.13
N ARG A 262 -7.40 -14.72 25.90
CA ARG A 262 -7.54 -13.66 26.89
C ARG A 262 -6.60 -13.83 28.02
N ALA A 263 -6.39 -15.09 28.41
CA ALA A 263 -5.43 -15.40 29.43
C ALA A 263 -4.02 -15.08 28.99
N LYS A 264 -3.67 -15.43 27.78
CA LYS A 264 -2.34 -15.16 27.25
C LYS A 264 -2.04 -13.66 27.21
N ARG A 265 -2.99 -12.89 26.73
CA ARG A 265 -2.85 -11.44 26.72
C ARG A 265 -2.71 -10.84 28.13
N VAL A 266 -3.57 -11.27 29.06
CA VAL A 266 -3.53 -10.77 30.42
C VAL A 266 -2.23 -11.14 31.13
N ILE A 267 -1.78 -12.39 30.94
CA ILE A 267 -0.54 -12.88 31.51
C ILE A 267 0.64 -12.15 30.95
N ALA A 268 0.63 -11.93 29.64
CA ALA A 268 1.70 -11.23 28.96
C ALA A 268 1.86 -9.79 29.45
N THR A 269 0.76 -9.17 29.83
CA THR A 269 0.75 -7.83 30.39
C THR A 269 1.50 -7.76 31.71
N PHE A 270 1.37 -8.80 32.53
CA PHE A 270 2.19 -8.97 33.72
C PHE A 270 3.69 -9.01 33.40
N ARG A 271 4.11 -9.88 32.47
CA ARG A 271 5.51 -9.95 32.07
C ARG A 271 6.20 -8.68 31.60
N THR A 272 5.60 -8.03 30.61
CA THR A 272 6.21 -6.91 29.92
C THR A 272 5.97 -5.63 30.68
N GLY A 273 4.76 -5.35 31.10
CA GLY A 273 4.48 -4.04 31.61
C GLY A 273 3.73 -3.21 30.65
N THR A 274 3.88 -3.52 29.37
CA THR A 274 3.27 -2.77 28.31
C THR A 274 1.89 -3.31 27.87
N TRP A 275 1.28 -2.56 26.93
CA TRP A 275 0.03 -2.92 26.26
C TRP A 275 0.28 -3.68 24.95
N ASP A 276 1.47 -4.25 24.77
CA ASP A 276 1.83 -4.89 23.51
C ASP A 276 0.84 -5.95 23.05
N ALA A 277 0.37 -6.75 23.99
CA ALA A 277 -0.61 -7.79 23.76
C ALA A 277 -1.91 -7.29 23.12
N TYR A 278 -2.38 -6.15 23.57
CA TYR A 278 -3.59 -5.57 23.05
C TYR A 278 -3.35 -4.70 21.85
N ASP A 279 -2.20 -4.03 21.85
CA ASP A 279 -1.80 -3.12 20.77
C ASP A 279 -1.67 -3.81 19.41
N ARG A 280 -1.20 -5.05 19.36
CA ARG A 280 -1.16 -5.71 18.06
C ARG A 280 -2.53 -5.81 17.38
N LEU A 281 -3.51 -6.22 18.18
CA LEU A 281 -4.90 -6.32 17.79
C LEU A 281 -5.48 -5.00 17.26
N ARG A 282 -5.13 -3.92 17.90
CA ARG A 282 -5.55 -2.61 17.50
C ARG A 282 -4.91 -2.20 16.15
N ALA A 283 -3.66 -2.58 15.97
CA ALA A 283 -2.89 -2.20 14.81
C ALA A 283 -3.49 -2.70 13.50
N TRP A 284 -4.06 -3.89 13.47
CA TRP A 284 -4.68 -4.37 12.24
C TRP A 284 -5.80 -3.49 11.74
N MET A 285 -6.56 -2.94 12.64
CA MET A 285 -7.60 -1.98 12.29
C MET A 285 -7.03 -0.69 11.62
N PHE A 286 -5.93 -0.13 12.14
CA PHE A 286 -5.23 0.98 11.47
C PHE A 286 -4.69 0.63 10.06
N ILE A 287 -4.02 -0.53 9.96
CA ILE A 287 -3.54 -1.13 8.70
C ILE A 287 -4.54 -1.08 7.55
N CYS A 288 -5.79 -1.43 7.80
CA CYS A 288 -6.81 -1.36 6.78
C CYS A 288 -7.04 0.07 6.31
N ILE A 289 -7.13 1.01 7.23
CA ILE A 289 -7.29 2.40 6.86
C ILE A 289 -6.17 2.89 5.95
N GLY A 290 -4.95 2.53 6.26
CA GLY A 290 -3.81 2.99 5.51
C GLY A 290 -3.38 2.27 4.26
N TRP A 291 -3.58 0.97 4.14
CA TRP A 291 -3.16 0.25 2.94
C TRP A 291 -4.36 -0.42 2.30
N GLY A 292 -5.26 -0.91 3.15
CA GLY A 292 -6.44 -1.58 2.69
C GLY A 292 -7.45 -0.77 1.93
N VAL A 293 -7.91 0.32 2.52
CA VAL A 293 -8.90 1.15 1.90
C VAL A 293 -8.37 1.81 0.65
N PRO A 294 -7.17 2.37 0.53
CA PRO A 294 -6.83 3.07 -0.68
C PRO A 294 -6.69 2.11 -1.85
N PHE A 295 -6.42 0.84 -1.62
CA PHE A 295 -6.38 -0.14 -2.71
C PHE A 295 -7.72 -0.23 -3.48
N PRO A 296 -8.96 -0.47 -3.01
CA PRO A 296 -10.11 -0.51 -3.90
C PRO A 296 -10.24 0.80 -4.64
N ILE A 297 -9.90 1.90 -3.98
CA ILE A 297 -9.99 3.23 -4.55
C ILE A 297 -9.17 3.34 -5.81
N ILE A 298 -7.90 3.00 -5.71
CA ILE A 298 -7.04 3.04 -6.88
C ILE A 298 -7.47 2.07 -7.96
N VAL A 299 -7.97 0.89 -7.61
CA VAL A 299 -8.48 -0.04 -8.59
C VAL A 299 -9.65 0.56 -9.37
N ALA A 300 -10.58 1.21 -8.69
CA ALA A 300 -11.68 1.88 -9.36
C ALA A 300 -11.21 3.01 -10.27
N TRP A 301 -10.22 3.75 -9.84
CA TRP A 301 -9.61 4.76 -10.69
C TRP A 301 -9.05 4.19 -11.99
N ALA A 302 -8.33 3.08 -11.88
CA ALA A 302 -7.63 2.49 -13.00
C ALA A 302 -8.58 1.98 -14.05
N ILE A 303 -9.73 1.49 -13.60
CA ILE A 303 -10.82 1.11 -14.50
C ILE A 303 -11.32 2.31 -15.27
N GLY A 304 -11.49 3.42 -14.58
CA GLY A 304 -11.91 4.66 -15.17
C GLY A 304 -11.05 5.17 -16.28
N LYS A 305 -9.77 5.10 -16.05
CA LYS A 305 -8.82 5.44 -17.07
C LYS A 305 -8.88 4.45 -18.24
N LEU A 306 -9.01 3.17 -17.95
CA LEU A 306 -9.07 2.23 -19.04
C LEU A 306 -10.27 2.54 -19.87
N TYR A 307 -11.37 2.90 -19.28
CA TYR A 307 -12.59 3.19 -19.99
C TYR A 307 -12.68 4.45 -20.80
N TYR A 308 -12.31 5.55 -20.20
CA TYR A 308 -12.41 6.80 -20.96
C TYR A 308 -11.16 7.63 -21.10
N ASP A 309 -10.08 7.24 -20.49
CA ASP A 309 -8.86 8.01 -20.56
C ASP A 309 -7.52 7.34 -20.83
N ASN A 310 -7.52 6.35 -21.70
CA ASN A 310 -6.39 5.43 -21.90
C ASN A 310 -5.09 6.09 -22.40
N GLU A 311 -5.11 7.38 -22.64
CA GLU A 311 -3.95 8.12 -23.09
C GLU A 311 -2.85 8.36 -22.01
N LYS A 312 -1.65 8.60 -22.54
CA LYS A 312 -0.60 9.32 -21.84
C LYS A 312 -0.19 8.78 -20.48
N CYS A 313 -0.13 7.46 -20.37
CA CYS A 313 0.28 6.81 -19.12
C CYS A 313 -0.61 7.15 -17.97
N TRP A 314 -1.83 7.53 -18.27
CA TRP A 314 -2.77 7.84 -17.24
C TRP A 314 -2.45 9.11 -16.46
N ALA A 315 -1.56 9.93 -17.01
CA ALA A 315 -1.09 11.10 -16.28
C ALA A 315 -1.39 12.42 -17.03
N GLY A 316 -2.21 12.24 -18.06
CA GLY A 316 -2.57 13.27 -19.00
C GLY A 316 -3.57 14.11 -18.26
N LYS A 317 -3.66 15.39 -18.56
CA LYS A 317 -4.60 16.18 -17.71
C LYS A 317 -5.42 16.56 -18.99
N ARG A 318 -6.70 16.16 -18.96
CA ARG A 318 -7.65 16.46 -20.01
C ARG A 318 -8.87 17.28 -19.53
N PRO A 319 -9.11 18.58 -19.81
CA PRO A 319 -10.38 19.24 -19.42
C PRO A 319 -11.47 19.12 -20.55
N GLY A 320 -12.23 18.02 -20.81
CA GLY A 320 -12.18 16.70 -20.26
C GLY A 320 -13.26 16.15 -19.40
N VAL A 321 -12.91 15.08 -18.66
CA VAL A 321 -13.87 14.42 -17.78
C VAL A 321 -13.00 14.05 -16.60
N TYR A 322 -13.58 14.30 -15.40
CA TYR A 322 -12.88 14.17 -14.16
C TYR A 322 -12.85 12.72 -13.69
N THR A 323 -11.68 12.10 -13.80
CA THR A 323 -11.52 10.73 -13.40
C THR A 323 -10.62 10.68 -12.21
N ASP A 324 -9.78 11.70 -12.08
CA ASP A 324 -8.87 11.80 -10.99
C ASP A 324 -9.61 12.04 -9.67
N TYR A 325 -10.91 12.28 -9.73
CA TYR A 325 -11.68 12.60 -8.54
C TYR A 325 -12.13 11.34 -7.84
N ILE A 326 -11.90 10.22 -8.50
CA ILE A 326 -12.17 8.93 -7.92
C ILE A 326 -11.22 8.67 -6.77
N TYR A 327 -9.93 8.98 -6.96
CA TYR A 327 -8.99 8.94 -5.86
C TYR A 327 -8.86 10.30 -5.11
N GLN A 328 -8.78 11.42 -5.82
CA GLN A 328 -8.79 12.72 -5.15
C GLN A 328 -9.97 12.96 -4.23
N GLY A 329 -11.10 12.38 -4.57
CA GLY A 329 -12.29 12.51 -3.77
C GLY A 329 -12.16 12.10 -2.33
N PRO A 330 -11.91 10.83 -2.00
CA PRO A 330 -11.63 10.34 -0.68
C PRO A 330 -10.46 11.06 0.00
N MET A 331 -9.41 11.43 -0.71
CA MET A 331 -8.32 12.19 -0.13
C MET A 331 -8.78 13.49 0.51
N ALA A 332 -9.66 14.18 -0.18
CA ALA A 332 -10.24 15.39 0.33
C ALA A 332 -11.11 15.14 1.54
N LEU A 333 -11.94 14.11 1.46
CA LEU A 333 -12.87 13.80 2.53
C LEU A 333 -12.20 13.36 3.81
N VAL A 334 -11.15 12.58 3.65
CA VAL A 334 -10.35 12.13 4.78
C VAL A 334 -9.72 13.31 5.56
N LEU A 335 -9.26 14.28 4.79
CA LEU A 335 -8.73 15.51 5.34
C LEU A 335 -9.75 16.28 6.20
N LEU A 336 -10.97 16.45 5.67
CA LEU A 336 -12.02 17.17 6.38
C LEU A 336 -12.31 16.54 7.72
N ILE A 337 -12.44 15.23 7.69
CA ILE A 337 -12.67 14.45 8.88
C ILE A 337 -11.57 14.70 9.90
N ASN A 338 -10.32 14.66 9.46
CA ASN A 338 -9.20 14.96 10.34
C ASN A 338 -9.34 16.34 10.99
N PHE A 339 -9.83 17.33 10.24
CA PHE A 339 -10.09 18.66 10.80
C PHE A 339 -11.13 18.63 11.90
N ILE A 340 -12.19 17.87 11.67
CA ILE A 340 -13.23 17.68 12.67
C ILE A 340 -12.68 17.03 13.93
N PHE A 341 -11.86 15.99 13.75
CA PHE A 341 -11.08 15.37 14.83
C PHE A 341 -10.21 16.36 15.58
N LEU A 342 -9.48 17.19 14.83
CA LEU A 342 -8.59 18.17 15.40
C LEU A 342 -9.35 19.20 16.20
N PHE A 343 -10.46 19.61 15.64
CA PHE A 343 -11.33 20.58 16.25
C PHE A 343 -11.83 20.06 17.59
N ASN A 344 -12.29 18.82 17.59
CA ASN A 344 -12.71 18.15 18.80
C ASN A 344 -11.53 17.95 19.81
N ILE A 345 -10.34 17.60 19.34
CA ILE A 345 -9.20 17.35 20.22
C ILE A 345 -8.75 18.62 20.93
N VAL A 346 -8.65 19.71 20.17
CA VAL A 346 -8.22 20.97 20.74
C VAL A 346 -9.19 21.44 21.81
N ARG A 347 -10.49 21.33 21.53
CA ARG A 347 -11.51 21.72 22.48
C ARG A 347 -11.45 20.92 23.77
N ILE A 348 -11.28 19.60 23.66
CA ILE A 348 -11.10 18.75 24.83
C ILE A 348 -9.92 19.20 25.66
N LEU A 349 -8.81 19.51 25.00
CA LEU A 349 -7.62 19.94 25.71
C LEU A 349 -7.89 21.22 26.54
N MET A 350 -8.62 22.20 26.00
CA MET A 350 -9.06 23.33 26.83
C MET A 350 -10.14 22.91 27.87
N THR A 351 -11.13 22.16 27.38
CA THR A 351 -12.36 21.93 28.13
C THR A 351 -12.20 21.12 29.43
N LYS A 352 -11.48 19.99 29.39
CA LYS A 352 -11.40 19.17 30.59
C LYS A 352 -9.98 18.99 31.06
N LEU A 353 -9.09 18.89 30.09
CA LEU A 353 -7.70 18.52 30.29
C LEU A 353 -6.74 19.69 30.49
N ARG A 354 -7.20 20.78 31.12
CA ARG A 354 -6.30 21.92 31.32
C ARG A 354 -5.33 21.55 32.41
N ALA A 355 -5.91 21.14 33.54
CA ALA A 355 -5.19 20.93 34.76
C ALA A 355 -4.70 19.49 34.89
N SER A 356 -4.96 18.65 33.87
CA SER A 356 -4.78 17.19 34.01
C SER A 356 -3.33 16.74 34.20
N THR A 357 -2.44 17.19 33.30
CA THR A 357 -1.02 16.76 33.25
C THR A 357 -0.77 15.26 33.61
N THR A 358 -1.33 14.36 32.80
CA THR A 358 -1.06 12.93 32.91
C THR A 358 -0.08 12.53 31.82
N SER A 359 0.42 11.30 31.90
CA SER A 359 1.34 10.81 30.91
C SER A 359 0.72 10.88 29.50
N GLU A 360 -0.57 10.52 29.40
CA GLU A 360 -1.26 10.59 28.12
C GLU A 360 -1.50 12.02 27.62
N THR A 361 -1.94 12.92 28.50
CA THR A 361 -2.31 14.29 28.06
C THR A 361 -1.13 15.11 27.59
N ILE A 362 0.02 14.96 28.26
CA ILE A 362 1.25 15.60 27.85
C ILE A 362 1.60 15.21 26.42
N GLN A 363 1.55 13.91 26.12
CA GLN A 363 1.87 13.44 24.78
C GLN A 363 0.90 13.96 23.75
N ALA A 364 -0.37 13.97 24.09
CA ALA A 364 -1.37 14.45 23.19
C ALA A 364 -1.14 15.91 22.82
N ARG A 365 -0.80 16.73 23.81
CA ARG A 365 -0.40 18.13 23.56
C ARG A 365 0.78 18.22 22.60
N LYS A 366 1.82 17.46 22.93
CA LYS A 366 3.02 17.45 22.13
C LYS A 366 2.71 17.09 20.69
N ALA A 367 1.83 16.12 20.51
CA ALA A 367 1.33 15.77 19.19
C ALA A 367 0.56 16.89 18.52
N VAL A 368 -0.40 17.48 19.20
CA VAL A 368 -1.19 18.57 18.63
C VAL A 368 -0.33 19.78 18.24
N LYS A 369 0.66 20.07 19.06
CA LYS A 369 1.58 21.12 18.77
C LYS A 369 2.31 20.83 17.47
N ALA A 370 2.82 19.60 17.36
CA ALA A 370 3.51 19.19 16.16
C ALA A 370 2.62 19.13 14.92
N THR A 371 1.38 18.65 15.06
CA THR A 371 0.42 18.62 13.95
C THR A 371 0.19 20.00 13.36
N LEU A 372 0.02 20.98 14.26
CA LEU A 372 -0.16 22.37 13.89
C LEU A 372 1.05 22.89 13.13
N VAL A 373 2.25 22.52 13.57
CA VAL A 373 3.46 22.86 12.83
C VAL A 373 3.54 22.16 11.44
N LEU A 374 3.20 20.89 11.41
CA LEU A 374 3.23 20.08 10.17
C LEU A 374 2.21 20.55 9.14
N LEU A 375 1.04 20.90 9.62
CA LEU A 375 -0.10 21.15 8.77
C LEU A 375 0.13 22.32 7.78
N PRO A 376 0.62 23.54 8.08
CA PRO A 376 0.94 24.51 7.05
C PRO A 376 1.98 24.04 6.06
N LEU A 377 3.04 23.36 6.49
CA LEU A 377 4.08 22.92 5.56
C LEU A 377 3.54 22.09 4.39
N LEU A 378 2.67 21.13 4.70
CA LEU A 378 2.15 20.28 3.67
C LEU A 378 0.98 20.96 2.96
N GLY A 379 0.19 21.68 3.73
CA GLY A 379 -0.97 22.38 3.26
C GLY A 379 -0.77 23.51 2.29
N ILE A 380 0.30 24.31 2.44
CA ILE A 380 0.55 25.45 1.56
C ILE A 380 0.63 24.99 0.13
N THR A 381 1.30 23.85 -0.05
CA THR A 381 1.53 23.33 -1.37
C THR A 381 0.23 23.09 -2.12
N TYR A 382 -0.74 22.50 -1.43
CA TYR A 382 -2.09 22.39 -2.01
C TYR A 382 -2.74 23.76 -2.27
N MET A 383 -2.59 24.70 -1.34
CA MET A 383 -3.14 26.04 -1.55
C MET A 383 -2.57 26.74 -2.80
N LEU A 384 -1.26 26.60 -2.98
CA LEU A 384 -0.59 27.16 -4.13
C LEU A 384 -1.09 26.46 -5.40
N ALA A 385 -1.37 25.15 -5.31
CA ALA A 385 -1.91 24.41 -6.46
C ALA A 385 -3.21 25.01 -7.07
N PHE A 386 -4.24 25.30 -6.24
CA PHE A 386 -5.48 25.95 -6.76
C PHE A 386 -5.23 27.30 -7.51
N VAL A 387 -4.54 28.23 -6.83
CA VAL A 387 -4.25 29.57 -7.38
C VAL A 387 -2.96 29.55 -8.24
N ASN A 388 -2.97 30.17 -9.44
CA ASN A 388 -1.78 30.08 -10.32
C ASN A 388 -1.20 31.47 -10.74
N GLU A 393 6.87 38.96 -12.90
CA GLU A 393 7.53 39.51 -11.76
C GLU A 393 8.58 38.52 -11.29
N VAL A 394 9.70 39.05 -10.79
CA VAL A 394 10.68 38.23 -10.04
C VAL A 394 9.94 37.34 -9.00
N SER A 395 8.92 37.92 -8.35
CA SER A 395 8.08 37.16 -7.41
C SER A 395 7.43 35.85 -8.00
N ARG A 396 7.15 35.81 -9.33
CA ARG A 396 6.67 34.56 -9.97
C ARG A 396 7.70 33.45 -9.83
N VAL A 397 8.98 33.81 -10.02
CA VAL A 397 10.09 32.91 -9.81
C VAL A 397 10.09 32.39 -8.36
N VAL A 398 9.80 33.30 -7.42
CA VAL A 398 9.73 32.93 -6.01
C VAL A 398 8.57 31.94 -5.75
N PHE A 399 7.41 32.10 -6.43
CA PHE A 399 6.34 31.11 -6.31
C PHE A 399 6.80 29.69 -6.72
N ILE A 400 7.37 29.56 -7.91
CA ILE A 400 7.79 28.25 -8.40
C ILE A 400 8.86 27.59 -7.54
N TYR A 401 9.88 28.37 -7.15
CA TYR A 401 10.97 27.87 -6.32
C TYR A 401 10.51 27.42 -4.93
N PHE A 402 9.58 28.18 -4.36
CA PHE A 402 8.92 27.76 -3.12
C PHE A 402 8.18 26.43 -3.29
N ASN A 403 7.41 26.32 -4.38
CA ASN A 403 6.68 25.09 -4.70
C ASN A 403 7.60 23.91 -4.86
N ALA A 404 8.71 24.14 -5.51
CA ALA A 404 9.61 23.07 -5.84
C ALA A 404 10.20 22.53 -4.55
N PHE A 405 10.59 23.46 -3.65
CA PHE A 405 11.11 23.11 -2.34
C PHE A 405 10.11 22.35 -1.42
N LEU A 406 8.88 22.84 -1.32
CA LEU A 406 7.91 22.25 -0.44
C LEU A 406 7.55 20.82 -0.80
N GLU A 407 7.31 20.56 -2.08
CA GLU A 407 6.93 19.23 -2.52
C GLU A 407 8.04 18.20 -2.31
N SER A 408 9.26 18.61 -2.61
CA SER A 408 10.45 17.79 -2.54
C SER A 408 10.94 17.41 -1.11
N PHE A 409 10.74 18.39 -0.23
CA PHE A 409 11.08 18.28 1.16
C PHE A 409 9.86 17.87 2.00
N GLN A 410 8.71 17.68 1.36
CA GLN A 410 7.53 17.09 2.01
C GLN A 410 7.87 15.86 2.86
N GLY A 411 8.66 14.98 2.30
CA GLY A 411 9.10 13.80 2.98
C GLY A 411 9.98 14.05 4.17
N PHE A 412 10.85 15.03 4.06
CA PHE A 412 11.77 15.34 5.14
C PHE A 412 10.99 15.82 6.38
N PHE A 413 10.00 16.67 6.16
CA PHE A 413 9.17 17.17 7.24
C PHE A 413 8.48 16.05 7.97
N VAL A 414 7.94 15.09 7.24
CA VAL A 414 7.37 13.90 7.85
C VAL A 414 8.41 13.10 8.69
N SER A 415 9.64 12.97 8.21
CA SER A 415 10.65 12.24 8.97
C SER A 415 10.98 12.88 10.30
N VAL A 416 11.19 14.18 10.26
CA VAL A 416 11.39 14.95 11.45
C VAL A 416 10.23 14.84 12.42
N PHE A 417 9.03 14.99 11.88
CA PHE A 417 7.82 14.98 12.67
C PHE A 417 7.57 13.70 13.42
N ALA A 418 7.70 12.58 12.73
CA ALA A 418 7.51 11.28 13.34
C ALA A 418 8.51 11.05 14.44
N CYS A 419 9.75 11.40 14.17
CA CYS A 419 10.80 11.35 15.18
C CYS A 419 10.52 12.22 16.39
N PHE A 420 10.02 13.43 16.18
CA PHE A 420 9.67 14.32 17.29
C PHE A 420 8.60 13.71 18.22
N LEU A 421 7.56 13.12 17.65
CA LEU A 421 6.56 12.41 18.45
C LEU A 421 7.16 11.23 19.25
N ASN A 422 8.00 10.44 18.60
CA ASN A 422 8.65 9.33 19.27
C ASN A 422 9.63 9.80 20.38
N SER A 423 10.42 10.83 20.05
CA SER A 423 11.43 11.49 20.91
C SER A 423 12.47 10.69 21.71
N HIS B 13 -38.43 -32.46 14.15
CA HIS B 13 -38.55 -31.58 13.00
C HIS B 13 -37.20 -31.06 12.48
N TYR B 14 -36.33 -30.58 13.38
CA TYR B 14 -35.00 -30.14 12.96
C TYR B 14 -34.12 -31.26 12.38
N HIS B 15 -34.12 -32.44 13.00
CA HIS B 15 -33.30 -33.55 12.48
C HIS B 15 -33.66 -33.96 11.06
N VAL B 16 -34.95 -34.10 10.78
CA VAL B 16 -35.41 -34.43 9.46
C VAL B 16 -35.00 -33.36 8.48
N ALA B 17 -35.16 -32.10 8.88
CA ALA B 17 -34.75 -30.95 8.08
C ALA B 17 -33.27 -30.99 7.70
N ALA B 18 -32.43 -31.34 8.64
CA ALA B 18 -31.02 -31.49 8.35
C ALA B 18 -30.77 -32.55 7.28
N ILE B 19 -31.41 -33.71 7.40
CA ILE B 19 -31.22 -34.81 6.46
C ILE B 19 -31.60 -34.38 5.06
N ILE B 20 -32.71 -33.66 4.94
CA ILE B 20 -33.12 -33.10 3.68
C ILE B 20 -32.06 -32.13 3.11
N ASN B 21 -31.49 -31.29 3.96
CA ASN B 21 -30.51 -30.30 3.55
C ASN B 21 -29.25 -30.96 3.00
N TYR B 22 -28.75 -32.00 3.67
CA TYR B 22 -27.55 -32.69 3.21
C TYR B 22 -27.76 -33.35 1.87
N LEU B 23 -28.88 -34.05 1.70
CA LEU B 23 -29.16 -34.67 0.41
C LEU B 23 -29.26 -33.66 -0.69
N GLY B 24 -29.96 -32.59 -0.45
CA GLY B 24 -30.07 -31.54 -1.40
C GLY B 24 -28.80 -30.84 -1.77
N HIS B 25 -28.02 -30.50 -0.79
CA HIS B 25 -26.75 -29.88 -1.02
C HIS B 25 -25.85 -30.78 -1.81
N CYS B 26 -25.88 -32.07 -1.51
CA CYS B 26 -25.03 -33.02 -2.20
C CYS B 26 -25.41 -33.16 -3.66
N ILE B 27 -26.69 -33.11 -3.96
CA ILE B 27 -27.16 -33.16 -5.34
C ILE B 27 -26.75 -31.93 -6.10
N SER B 28 -26.92 -30.78 -5.49
CA SER B 28 -26.55 -29.52 -6.06
C SER B 28 -25.08 -29.39 -6.32
N LEU B 29 -24.28 -29.77 -5.36
CA LEU B 29 -22.85 -29.69 -5.50
C LEU B 29 -22.36 -30.47 -6.68
N VAL B 30 -22.82 -31.70 -6.79
CA VAL B 30 -22.49 -32.58 -7.91
C VAL B 30 -22.96 -32.02 -9.24
N ALA B 31 -24.19 -31.53 -9.29
CA ALA B 31 -24.76 -30.90 -10.47
C ALA B 31 -23.97 -29.71 -10.97
N LEU B 32 -23.54 -28.86 -10.05
CA LEU B 32 -22.67 -27.76 -10.33
C LEU B 32 -21.34 -28.20 -10.90
N LEU B 33 -20.73 -29.21 -10.30
CA LEU B 33 -19.45 -29.73 -10.71
C LEU B 33 -19.47 -30.31 -12.11
N VAL B 34 -20.52 -31.03 -12.42
CA VAL B 34 -20.74 -31.61 -13.72
C VAL B 34 -20.87 -30.51 -14.74
N ALA B 35 -21.64 -29.50 -14.39
CA ALA B 35 -21.80 -28.36 -15.22
C ALA B 35 -20.50 -27.62 -15.43
N PHE B 36 -19.73 -27.43 -14.39
CA PHE B 36 -18.43 -26.80 -14.50
C PHE B 36 -17.49 -27.56 -15.44
N VAL B 37 -17.43 -28.86 -15.32
CA VAL B 37 -16.67 -29.69 -16.23
C VAL B 37 -17.08 -29.45 -17.69
N LEU B 38 -18.38 -29.48 -17.96
CA LEU B 38 -18.90 -29.22 -19.29
C LEU B 38 -18.41 -27.90 -19.89
N PHE B 39 -18.47 -26.83 -19.09
CA PHE B 39 -18.02 -25.51 -19.56
C PHE B 39 -16.53 -25.47 -19.88
N LEU B 40 -15.73 -26.16 -19.10
CA LEU B 40 -14.31 -26.23 -19.35
C LEU B 40 -13.90 -26.98 -20.63
N ARG B 41 -14.51 -28.13 -20.87
CA ARG B 41 -14.19 -28.93 -22.07
C ARG B 41 -14.59 -28.27 -23.41
N ALA B 42 -15.73 -27.58 -23.42
CA ALA B 42 -16.30 -26.98 -24.64
C ALA B 42 -15.49 -25.84 -25.28
N ARG B 43 -15.66 -25.68 -26.64
CA ARG B 43 -15.21 -24.48 -27.43
C ARG B 43 -15.90 -23.17 -26.95
N SER B 44 -17.08 -23.36 -26.41
CA SER B 44 -17.87 -22.28 -25.92
C SER B 44 -17.11 -21.40 -24.87
N ILE B 45 -16.13 -22.02 -24.17
CA ILE B 45 -15.34 -21.37 -23.12
C ILE B 45 -14.58 -20.15 -23.62
N ARG B 46 -14.14 -20.21 -24.86
CA ARG B 46 -13.47 -19.10 -25.50
C ARG B 46 -14.34 -17.80 -25.48
N CYS B 47 -15.65 -17.96 -25.76
CA CYS B 47 -16.57 -16.79 -25.67
C CYS B 47 -16.67 -16.21 -24.27
N LEU B 48 -16.76 -14.87 -24.15
CA LEU B 48 -17.07 -14.16 -22.89
C LEU B 48 -18.32 -14.64 -22.18
N ARG B 49 -19.34 -14.96 -22.95
CA ARG B 49 -20.61 -15.43 -22.41
C ARG B 49 -20.41 -16.60 -21.48
N ASN B 50 -19.66 -17.57 -21.97
CA ASN B 50 -19.29 -18.75 -21.21
C ASN B 50 -18.27 -18.50 -20.11
N ILE B 51 -17.34 -17.57 -20.30
CA ILE B 51 -16.41 -17.22 -19.23
C ILE B 51 -17.17 -16.77 -17.99
N ILE B 52 -18.19 -15.93 -18.18
CA ILE B 52 -19.08 -15.52 -17.11
C ILE B 52 -19.83 -16.67 -16.51
N HIS B 53 -20.41 -17.54 -17.31
CA HIS B 53 -21.14 -18.68 -16.78
C HIS B 53 -20.27 -19.58 -15.87
N ALA B 54 -19.08 -19.94 -16.33
CA ALA B 54 -18.20 -20.83 -15.56
C ALA B 54 -17.77 -20.24 -14.22
N ASN B 55 -17.48 -18.95 -14.21
CA ASN B 55 -17.24 -18.21 -12.99
C ASN B 55 -18.42 -18.25 -12.04
N LEU B 56 -19.63 -18.08 -12.57
CA LEU B 56 -20.86 -18.15 -11.80
C LEU B 56 -21.11 -19.54 -11.22
N ILE B 57 -20.92 -20.57 -12.00
CA ILE B 57 -21.05 -21.92 -11.51
C ILE B 57 -20.01 -22.20 -10.42
N ALA B 58 -18.77 -21.76 -10.63
CA ALA B 58 -17.70 -21.84 -9.64
C ALA B 58 -18.05 -21.14 -8.34
N ALA B 59 -18.63 -19.98 -8.44
CA ALA B 59 -19.05 -19.21 -7.30
C ALA B 59 -20.07 -19.97 -6.46
N PHE B 60 -21.03 -20.58 -7.13
CA PHE B 60 -22.01 -21.45 -6.51
C PHE B 60 -21.39 -22.73 -5.90
N ILE B 61 -20.42 -23.32 -6.58
CA ILE B 61 -19.71 -24.51 -6.11
C ILE B 61 -19.03 -24.28 -4.77
N LEU B 62 -18.37 -23.15 -4.65
CA LEU B 62 -17.71 -22.78 -3.44
C LEU B 62 -18.66 -22.47 -2.32
N ARG B 63 -19.75 -21.76 -2.56
CA ARG B 63 -20.80 -21.67 -1.54
C ARG B 63 -21.35 -23.01 -1.01
N ASN B 64 -21.71 -23.95 -1.88
CA ASN B 64 -22.23 -25.28 -1.47
C ASN B 64 -21.21 -26.08 -0.70
N ALA B 65 -19.99 -26.09 -1.15
CA ALA B 65 -18.91 -26.73 -0.44
C ALA B 65 -18.64 -26.11 0.94
N THR B 66 -18.63 -24.78 0.98
CA THR B 66 -18.53 -24.00 2.21
C THR B 66 -19.60 -24.36 3.22
N TRP B 67 -20.82 -24.58 2.75
CA TRP B 67 -21.92 -25.01 3.62
C TRP B 67 -21.55 -26.24 4.45
N PHE B 68 -20.98 -27.23 3.80
CA PHE B 68 -20.57 -28.43 4.50
C PHE B 68 -19.61 -28.12 5.67
N VAL B 69 -18.71 -27.20 5.47
CA VAL B 69 -17.83 -26.75 6.54
C VAL B 69 -18.60 -26.02 7.64
N VAL B 70 -19.52 -25.18 7.24
CA VAL B 70 -20.30 -24.36 8.17
C VAL B 70 -21.11 -25.21 9.11
N GLN B 71 -21.47 -26.40 8.67
CA GLN B 71 -22.20 -27.33 9.47
C GLN B 71 -21.43 -27.77 10.70
N LEU B 72 -20.13 -27.98 10.56
CA LEU B 72 -19.29 -28.20 11.74
C LEU B 72 -19.46 -27.09 12.78
N THR B 73 -19.51 -25.85 12.35
CA THR B 73 -19.75 -24.76 13.27
C THR B 73 -21.18 -24.68 13.85
N MET B 74 -22.11 -25.47 13.35
CA MET B 74 -23.46 -25.47 13.89
C MET B 74 -23.55 -26.08 15.29
N SER B 75 -22.53 -26.89 15.67
CA SER B 75 -22.54 -27.57 16.99
C SER B 75 -22.68 -26.55 18.14
N PRO B 76 -23.52 -26.75 19.20
CA PRO B 76 -23.76 -25.80 20.30
C PRO B 76 -22.46 -25.44 21.03
N GLU B 77 -21.58 -26.39 21.27
CA GLU B 77 -20.32 -26.12 21.94
C GLU B 77 -19.39 -25.22 21.07
N VAL B 78 -19.38 -25.49 19.77
CA VAL B 78 -18.62 -24.70 18.80
C VAL B 78 -19.18 -23.30 18.61
N HIS B 79 -20.50 -23.17 18.59
CA HIS B 79 -21.14 -21.89 18.41
C HIS B 79 -20.88 -20.97 19.55
N GLN B 80 -20.99 -21.49 20.77
CA GLN B 80 -20.69 -20.70 21.93
C GLN B 80 -19.22 -20.32 22.01
N SER B 81 -18.30 -21.28 21.87
CA SER B 81 -16.91 -20.89 21.82
C SER B 81 -16.69 -20.19 20.52
N ASN B 82 -16.30 -18.97 20.56
CA ASN B 82 -16.21 -18.23 19.36
C ASN B 82 -14.78 -18.20 19.06
N VAL B 83 -14.42 -18.71 17.90
CA VAL B 83 -13.04 -18.97 17.68
C VAL B 83 -12.77 -18.63 16.26
N GLY B 84 -11.51 -18.37 15.97
CA GLY B 84 -11.15 -17.96 14.67
C GLY B 84 -11.58 -18.86 13.60
N TRP B 85 -11.47 -20.16 13.79
CA TRP B 85 -11.84 -21.05 12.75
C TRP B 85 -13.34 -21.01 12.47
N CYS B 86 -14.14 -20.79 13.49
CA CYS B 86 -15.57 -20.57 13.35
C CYS B 86 -15.95 -19.34 12.51
N ARG B 87 -15.34 -18.24 12.88
CA ARG B 87 -15.54 -16.93 12.31
C ARG B 87 -15.04 -16.83 10.91
N LEU B 88 -13.90 -17.42 10.65
CA LEU B 88 -13.33 -17.49 9.32
C LEU B 88 -14.28 -18.19 8.38
N VAL B 89 -14.82 -19.30 8.85
CA VAL B 89 -15.74 -20.08 8.10
C VAL B 89 -17.04 -19.33 7.79
N THR B 90 -17.62 -18.68 8.78
CA THR B 90 -18.78 -17.80 8.59
C THR B 90 -18.50 -16.67 7.61
N ALA B 91 -17.33 -16.05 7.71
CA ALA B 91 -16.92 -14.98 6.82
C ALA B 91 -16.82 -15.44 5.35
N ALA B 92 -16.13 -16.55 5.15
CA ALA B 92 -15.98 -17.20 3.86
C ALA B 92 -17.31 -17.60 3.26
N TYR B 93 -18.18 -18.15 4.07
CA TYR B 93 -19.51 -18.54 3.63
C TYR B 93 -20.29 -17.36 3.11
N ASN B 94 -20.36 -16.33 3.92
CA ASN B 94 -21.02 -15.08 3.60
C ASN B 94 -20.39 -14.37 2.42
N TYR B 95 -19.07 -14.49 2.23
CA TYR B 95 -18.38 -13.96 1.06
C TYR B 95 -18.90 -14.59 -0.21
N PHE B 96 -19.03 -15.89 -0.18
CA PHE B 96 -19.56 -16.65 -1.29
C PHE B 96 -20.97 -16.24 -1.66
N HIS B 97 -21.81 -15.96 -0.69
CA HIS B 97 -23.18 -15.52 -0.93
C HIS B 97 -23.20 -14.19 -1.71
N VAL B 98 -22.37 -13.26 -1.27
CA VAL B 98 -22.21 -11.97 -1.92
C VAL B 98 -21.71 -12.14 -3.31
N THR B 99 -20.77 -13.06 -3.44
CA THR B 99 -20.23 -13.49 -4.71
C THR B 99 -21.31 -14.03 -5.64
N ASN B 100 -22.22 -14.84 -5.14
CA ASN B 100 -23.31 -15.36 -5.95
C ASN B 100 -24.19 -14.28 -6.52
N PHE B 101 -24.60 -13.35 -5.70
CA PHE B 101 -25.37 -12.21 -6.15
C PHE B 101 -24.66 -11.38 -7.18
N PHE B 102 -23.40 -11.10 -6.96
CA PHE B 102 -22.59 -10.29 -7.86
C PHE B 102 -22.35 -10.93 -9.23
N TRP B 103 -22.05 -12.22 -9.31
CA TRP B 103 -21.99 -12.93 -10.58
C TRP B 103 -23.32 -12.99 -11.34
N MET B 104 -24.41 -13.12 -10.62
CA MET B 104 -25.74 -13.00 -11.19
C MET B 104 -25.95 -11.64 -11.80
N PHE B 105 -25.42 -10.62 -11.14
CA PHE B 105 -25.42 -9.27 -11.65
C PHE B 105 -24.54 -9.13 -12.88
N GLY B 106 -23.37 -9.69 -12.85
CA GLY B 106 -22.52 -9.74 -14.02
C GLY B 106 -23.15 -10.37 -15.21
N GLU B 107 -23.94 -11.38 -14.98
CA GLU B 107 -24.70 -12.00 -16.06
C GLU B 107 -25.62 -10.98 -16.76
N GLY B 108 -26.38 -10.24 -15.96
CA GLY B 108 -27.20 -9.15 -16.41
C GLY B 108 -26.43 -8.02 -17.02
N CYS B 109 -25.30 -7.75 -16.43
CA CYS B 109 -24.49 -6.64 -16.83
C CYS B 109 -23.95 -6.85 -18.22
N TYR B 110 -23.56 -8.10 -18.47
CA TYR B 110 -23.17 -8.52 -19.79
C TYR B 110 -24.29 -8.41 -20.78
N LEU B 111 -25.42 -8.96 -20.42
CA LEU B 111 -26.53 -9.14 -21.32
C LEU B 111 -27.09 -7.84 -21.79
N HIS B 112 -27.18 -6.90 -20.86
CA HIS B 112 -27.67 -5.59 -21.15
C HIS B 112 -26.81 -4.88 -22.18
N THR B 113 -25.49 -4.87 -21.97
CA THR B 113 -24.56 -4.29 -22.95
C THR B 113 -24.54 -5.07 -24.27
N ALA B 114 -24.59 -6.39 -24.19
CA ALA B 114 -24.59 -7.27 -25.33
C ALA B 114 -25.64 -6.89 -26.34
N ILE B 115 -26.85 -6.63 -25.90
CA ILE B 115 -27.87 -6.09 -26.80
C ILE B 115 -27.52 -4.67 -27.33
N VAL B 116 -27.22 -3.73 -26.44
CA VAL B 116 -26.96 -2.35 -26.85
C VAL B 116 -25.83 -2.16 -27.87
N LEU B 117 -24.73 -2.92 -27.73
CA LEU B 117 -23.53 -2.72 -28.55
C LEU B 117 -23.15 -3.97 -29.34
N THR B 118 -22.41 -3.81 -30.43
CA THR B 118 -22.01 -4.94 -31.27
C THR B 118 -20.60 -5.37 -30.92
N ASN B 119 -20.17 -6.53 -31.38
CA ASN B 119 -18.85 -7.02 -31.07
C ASN B 119 -17.78 -6.16 -31.72
N ILE B 120 -18.03 -5.77 -32.97
CA ILE B 120 -17.11 -4.96 -33.75
C ILE B 120 -16.89 -3.57 -33.16
N PHE B 121 -17.94 -3.00 -32.55
CA PHE B 121 -17.84 -1.77 -31.79
C PHE B 121 -16.89 -1.92 -30.59
N GLU B 122 -17.06 -3.00 -29.83
CA GLU B 122 -16.21 -3.28 -28.68
C GLU B 122 -14.77 -3.57 -29.05
N MET B 123 -14.57 -4.20 -30.19
CA MET B 123 -13.24 -4.45 -30.71
C MET B 123 -12.42 -3.17 -30.90
N LEU B 124 -13.02 -2.23 -31.63
CA LEU B 124 -12.39 -0.96 -31.92
C LEU B 124 -12.31 -0.04 -30.74
N ARG B 125 -13.34 0.00 -29.92
CA ARG B 125 -13.29 0.66 -28.60
C ARG B 125 -12.04 0.28 -27.81
N ILE B 126 -11.77 -1.01 -27.72
CA ILE B 126 -10.59 -1.48 -27.05
C ILE B 126 -9.30 -1.01 -27.74
N ASP B 127 -9.21 -1.22 -29.05
CA ASP B 127 -8.01 -0.90 -29.81
C ASP B 127 -7.74 0.60 -29.95
N GLU B 128 -8.69 1.38 -30.46
CA GLU B 128 -8.52 2.84 -30.59
C GLU B 128 -8.93 3.72 -29.38
N GLY B 129 -9.93 3.32 -28.63
CA GLY B 129 -10.47 4.12 -27.55
C GLY B 129 -11.66 4.92 -27.96
N LEU B 130 -12.45 5.47 -27.02
CA LEU B 130 -13.75 6.08 -27.33
C LEU B 130 -13.93 7.42 -26.59
N ARG B 131 -14.14 8.48 -27.36
CA ARG B 131 -14.23 9.83 -26.87
C ARG B 131 -15.66 10.41 -26.94
N LEU B 132 -16.30 10.65 -25.80
CA LEU B 132 -17.66 11.20 -25.72
C LEU B 132 -17.85 12.66 -26.19
N LYS B 133 -16.85 13.52 -25.90
CA LYS B 133 -16.87 14.95 -26.32
C LYS B 133 -15.96 15.17 -27.56
N ILE B 134 -16.25 16.22 -28.37
CA ILE B 134 -15.37 16.64 -29.48
C ILE B 134 -13.92 16.88 -29.04
N TYR B 135 -12.96 16.41 -29.86
CA TYR B 135 -11.54 16.56 -29.58
C TYR B 135 -10.76 16.75 -30.87
N LYS B 136 -9.56 17.29 -30.74
CA LYS B 136 -8.69 17.52 -31.86
C LYS B 136 -7.63 16.41 -31.96
N ASP B 137 -7.51 15.79 -33.12
CA ASP B 137 -6.50 14.77 -33.31
C ASP B 137 -5.11 15.39 -33.36
N THR B 138 -4.09 14.63 -33.74
CA THR B 138 -2.74 15.17 -33.75
C THR B 138 -2.52 16.18 -34.87
N GLU B 139 -3.32 16.06 -35.95
CA GLU B 139 -3.26 16.96 -37.09
C GLU B 139 -4.14 18.20 -36.92
N GLY B 140 -4.92 18.22 -35.82
CA GLY B 140 -5.72 19.36 -35.43
C GLY B 140 -7.14 19.34 -35.90
N TYR B 141 -7.55 18.31 -36.61
CA TYR B 141 -8.92 18.20 -37.08
C TYR B 141 -9.85 17.75 -35.97
N TYR B 142 -11.11 18.17 -36.07
CA TYR B 142 -12.12 17.82 -35.10
C TYR B 142 -12.69 16.41 -35.30
N THR B 143 -12.59 15.63 -34.22
CA THR B 143 -12.87 14.19 -34.18
C THR B 143 -13.82 13.91 -33.00
N ILE B 144 -14.58 12.83 -33.05
CA ILE B 144 -15.36 12.41 -31.91
C ILE B 144 -15.62 10.93 -32.01
N GLY B 145 -15.96 10.28 -30.91
CA GLY B 145 -16.28 8.88 -30.89
C GLY B 145 -15.12 7.97 -31.07
N ILE B 146 -15.28 6.88 -31.83
CA ILE B 146 -14.18 6.00 -32.09
C ILE B 146 -13.44 6.48 -33.32
N GLY B 147 -12.80 7.64 -33.15
CA GLY B 147 -11.99 8.27 -34.12
C GLY B 147 -12.71 8.68 -35.35
N HIS B 148 -13.87 9.28 -35.29
CA HIS B 148 -14.49 9.64 -36.54
C HIS B 148 -14.34 11.10 -36.68
N LEU B 149 -14.25 11.55 -37.91
CA LEU B 149 -13.88 12.91 -38.16
C LEU B 149 -15.01 13.61 -38.85
N LEU B 150 -15.22 14.85 -38.44
CA LEU B 150 -16.39 15.54 -38.88
C LEU B 150 -16.05 16.42 -40.07
N THR B 151 -15.08 17.31 -39.87
CA THR B 151 -14.63 18.13 -40.94
C THR B 151 -13.23 18.63 -40.62
N LYS B 152 -12.63 19.29 -41.62
CA LYS B 152 -11.37 19.96 -41.45
C LYS B 152 -11.61 21.46 -41.47
N SER B 153 -11.49 22.08 -40.29
CA SER B 153 -11.86 23.48 -40.14
C SER B 153 -11.33 23.97 -38.81
N PRO B 154 -10.54 25.04 -38.72
CA PRO B 154 -10.02 25.50 -37.45
C PRO B 154 -11.14 26.13 -36.57
N SER B 155 -12.42 25.74 -36.66
CA SER B 155 -13.38 26.33 -35.76
C SER B 155 -14.29 25.24 -35.17
N LEU B 156 -14.32 25.24 -33.82
CA LEU B 156 -15.17 24.36 -33.01
C LEU B 156 -16.66 24.57 -33.26
N SER B 157 -17.02 25.85 -33.37
CA SER B 157 -18.41 26.27 -33.54
C SER B 157 -18.98 25.71 -34.87
N VAL B 158 -18.14 25.77 -35.90
CA VAL B 158 -18.49 25.17 -37.17
C VAL B 158 -18.58 23.65 -37.03
N ALA B 159 -17.64 23.07 -36.26
CA ALA B 159 -17.55 21.60 -36.10
C ALA B 159 -18.78 20.98 -35.41
N LYS B 160 -19.31 21.67 -34.38
CA LYS B 160 -20.52 21.24 -33.67
C LYS B 160 -21.75 21.10 -34.61
N SER B 161 -21.95 22.10 -35.48
CA SER B 161 -23.04 22.08 -36.47
C SER B 161 -22.95 20.85 -37.42
N GLU B 162 -21.73 20.54 -37.84
CA GLU B 162 -21.44 19.36 -38.65
C GLU B 162 -21.85 18.05 -37.96
N LEU B 163 -21.48 17.93 -36.67
CA LEU B 163 -21.78 16.73 -35.87
C LEU B 163 -23.27 16.48 -35.77
N ASP B 164 -23.98 17.57 -35.47
CA ASP B 164 -25.43 17.60 -35.42
C ASP B 164 -26.10 17.03 -36.68
N LYS B 165 -25.62 17.47 -37.85
CA LYS B 165 -26.15 16.97 -39.11
C LYS B 165 -26.04 15.44 -39.22
N ALA B 166 -24.83 14.92 -39.00
CA ALA B 166 -24.58 13.48 -39.06
C ALA B 166 -25.27 12.67 -37.95
N ILE B 167 -25.30 13.25 -36.76
CA ILE B 167 -26.00 12.64 -35.62
C ILE B 167 -27.52 12.64 -35.78
N GLY B 168 -28.06 13.78 -36.24
CA GLY B 168 -29.48 14.01 -36.22
C GLY B 168 -29.86 15.10 -35.26
N ARG B 169 -29.60 14.91 -33.99
CA ARG B 169 -29.97 15.89 -32.99
C ARG B 169 -28.87 16.96 -32.87
N ASN B 170 -29.23 18.19 -32.47
CA ASN B 170 -28.20 19.11 -31.94
C ASN B 170 -27.50 18.47 -30.72
N SER B 171 -26.18 18.54 -30.65
CA SER B 171 -25.47 17.77 -29.65
C SER B 171 -24.62 18.65 -28.72
N ASN B 172 -24.38 19.89 -29.15
CA ASN B 172 -23.50 20.82 -28.43
C ASN B 172 -22.16 20.19 -28.00
N GLY B 173 -21.63 19.38 -28.90
CA GLY B 173 -20.29 18.82 -28.78
C GLY B 173 -20.16 17.55 -27.96
N VAL B 174 -21.29 16.94 -27.58
CA VAL B 174 -21.27 15.76 -26.77
C VAL B 174 -22.29 14.80 -27.32
N ILE B 175 -21.89 13.55 -27.55
CA ILE B 175 -22.79 12.54 -28.07
C ILE B 175 -22.87 11.39 -27.09
N THR B 176 -23.94 10.60 -27.21
CA THR B 176 -24.15 9.46 -26.35
C THR B 176 -23.46 8.22 -26.90
N LYS B 177 -23.13 7.27 -26.04
CA LYS B 177 -22.43 6.07 -26.42
C LYS B 177 -23.17 5.32 -27.52
N ASP B 178 -24.48 5.28 -27.44
CA ASP B 178 -25.33 4.69 -28.49
C ASP B 178 -25.19 5.42 -29.85
N GLU B 179 -25.16 6.75 -29.79
CA GLU B 179 -24.92 7.57 -30.96
C GLU B 179 -23.51 7.39 -31.53
N ALA B 180 -22.53 7.14 -30.67
CA ALA B 180 -21.18 6.81 -31.07
C ALA B 180 -21.14 5.61 -31.99
N GLU B 181 -21.87 4.58 -31.59
CA GLU B 181 -22.05 3.39 -32.41
C GLU B 181 -22.69 3.65 -33.78
N LYS B 182 -23.63 4.60 -33.87
CA LYS B 182 -24.18 5.01 -35.16
C LYS B 182 -23.09 5.47 -36.11
N LEU B 183 -22.23 6.38 -35.65
CA LEU B 183 -21.15 6.91 -36.46
C LEU B 183 -20.13 5.83 -36.75
N PHE B 184 -19.93 4.92 -35.80
CA PHE B 184 -19.07 3.79 -35.99
C PHE B 184 -19.53 2.92 -37.13
N ASN B 185 -20.80 2.64 -37.19
CA ASN B 185 -21.37 1.87 -38.28
C ASN B 185 -21.21 2.56 -39.64
N GLN B 186 -21.40 3.88 -39.68
CA GLN B 186 -21.21 4.62 -40.91
C GLN B 186 -19.77 4.53 -41.43
N ASP B 187 -18.81 4.63 -40.53
CA ASP B 187 -17.42 4.43 -40.85
C ASP B 187 -17.09 2.99 -41.27
N VAL B 188 -17.73 2.00 -40.63
CA VAL B 188 -17.59 0.60 -41.04
C VAL B 188 -18.09 0.39 -42.45
N ASP B 189 -19.22 0.99 -42.77
CA ASP B 189 -19.79 0.94 -44.11
C ASP B 189 -18.87 1.59 -45.13
N ALA B 190 -18.32 2.75 -44.77
CA ALA B 190 -17.35 3.44 -45.61
C ALA B 190 -16.12 2.59 -45.86
N ALA B 191 -15.67 1.94 -44.82
CA ALA B 191 -14.59 0.99 -44.87
C ALA B 191 -14.90 -0.18 -45.75
N VAL B 192 -16.09 -0.73 -45.62
CA VAL B 192 -16.48 -1.86 -46.46
C VAL B 192 -16.60 -1.47 -47.93
N ARG B 193 -17.12 -0.28 -48.21
CA ARG B 193 -17.22 0.22 -49.57
C ARG B 193 -15.87 0.34 -50.27
N GLY B 194 -14.91 0.94 -49.57
CA GLY B 194 -13.56 1.05 -50.01
C GLY B 194 -12.89 -0.24 -50.21
N ILE B 195 -13.10 -1.17 -49.31
CA ILE B 195 -12.59 -2.52 -49.45
C ILE B 195 -13.05 -3.19 -50.74
N LEU B 196 -14.32 -3.08 -51.04
CA LEU B 196 -14.88 -3.72 -52.21
C LEU B 196 -14.36 -3.12 -53.51
N ARG B 197 -14.23 -1.80 -53.53
CA ARG B 197 -13.60 -1.06 -54.62
C ARG B 197 -12.15 -1.52 -54.94
N ASN B 198 -11.35 -1.76 -53.90
CA ASN B 198 -9.95 -2.27 -54.03
C ASN B 198 -9.84 -3.71 -54.57
N ALA B 199 -9.21 -3.84 -55.72
CA ALA B 199 -9.08 -5.08 -56.46
C ALA B 199 -8.37 -6.21 -55.72
N LYS B 200 -7.52 -5.88 -54.74
CA LYS B 200 -6.74 -6.90 -54.06
C LYS B 200 -7.39 -7.29 -52.73
N LEU B 201 -8.39 -6.51 -52.32
CA LEU B 201 -9.04 -6.68 -51.04
C LEU B 201 -10.39 -7.32 -51.20
N LYS B 202 -11.05 -7.08 -52.33
CA LYS B 202 -12.37 -7.65 -52.55
C LYS B 202 -12.36 -9.18 -52.55
N PRO B 203 -11.52 -9.96 -53.22
CA PRO B 203 -11.60 -11.43 -53.16
C PRO B 203 -11.48 -11.95 -51.72
N VAL B 204 -10.53 -11.40 -51.00
CA VAL B 204 -10.31 -11.79 -49.64
C VAL B 204 -11.54 -11.54 -48.76
N TYR B 205 -12.09 -10.34 -48.83
CA TYR B 205 -13.21 -9.98 -48.01
C TYR B 205 -14.38 -10.89 -48.23
N ASP B 206 -14.66 -11.22 -49.48
CA ASP B 206 -15.83 -12.02 -49.78
C ASP B 206 -15.71 -13.41 -49.20
N SER B 207 -14.50 -14.01 -49.31
CA SER B 207 -14.31 -15.36 -48.81
C SER B 207 -14.49 -15.51 -47.31
N LEU B 208 -14.11 -14.46 -46.59
CA LEU B 208 -14.11 -14.45 -45.14
C LEU B 208 -15.49 -14.46 -44.50
N ASP B 209 -15.53 -15.11 -43.33
CA ASP B 209 -16.67 -15.12 -42.44
C ASP B 209 -16.77 -13.81 -41.68
N ALA B 210 -17.89 -13.60 -40.99
CA ALA B 210 -18.19 -12.35 -40.26
C ALA B 210 -17.07 -11.91 -39.32
N VAL B 211 -16.59 -12.82 -38.50
CA VAL B 211 -15.64 -12.45 -37.46
C VAL B 211 -14.32 -11.97 -38.05
N ARG B 212 -13.90 -12.60 -39.16
CA ARG B 212 -12.65 -12.25 -39.82
C ARG B 212 -12.75 -11.01 -40.68
N ARG B 213 -13.90 -10.79 -41.31
CA ARG B 213 -14.17 -9.52 -41.95
C ARG B 213 -13.94 -8.32 -41.02
N SER B 214 -14.29 -8.49 -39.76
CA SER B 214 -14.03 -7.51 -38.71
C SER B 214 -12.56 -7.20 -38.47
N ALA B 215 -11.75 -8.25 -38.46
CA ALA B 215 -10.32 -8.11 -38.30
C ALA B 215 -9.67 -7.34 -39.45
N LEU B 216 -10.13 -7.63 -40.68
CA LEU B 216 -9.73 -6.91 -41.87
C LEU B 216 -10.10 -5.43 -41.81
N ILE B 217 -11.30 -5.16 -41.36
CA ILE B 217 -11.73 -3.80 -41.10
C ILE B 217 -10.83 -3.07 -40.08
N ASN B 218 -10.43 -3.75 -39.01
CA ASN B 218 -9.58 -3.18 -37.98
C ASN B 218 -8.23 -2.73 -38.56
N MET B 219 -7.67 -3.55 -39.44
CA MET B 219 -6.50 -3.16 -40.25
C MET B 219 -6.72 -1.89 -41.14
N VAL B 220 -7.85 -1.83 -41.81
CA VAL B 220 -8.25 -0.68 -42.61
C VAL B 220 -8.35 0.61 -41.77
N PHE B 221 -8.91 0.47 -40.59
CA PHE B 221 -9.00 1.54 -39.62
C PHE B 221 -7.59 2.02 -39.17
N GLN B 222 -6.69 1.08 -38.97
CA GLN B 222 -5.32 1.38 -38.57
C GLN B 222 -4.31 1.79 -39.66
N MET B 223 -4.18 0.99 -40.71
CA MET B 223 -3.21 1.24 -41.77
C MET B 223 -3.86 1.91 -42.97
N GLY B 224 -5.10 1.61 -43.23
CA GLY B 224 -5.77 2.07 -44.46
C GLY B 224 -5.88 0.98 -45.52
N GLU B 225 -6.73 1.17 -46.52
CA GLU B 225 -6.92 0.22 -47.63
C GLU B 225 -5.65 -0.10 -48.39
N THR B 226 -4.90 0.95 -48.70
CA THR B 226 -3.58 0.83 -49.34
C THR B 226 -2.60 -0.03 -48.54
N GLY B 227 -2.53 0.22 -47.24
CA GLY B 227 -1.75 -0.52 -46.27
C GLY B 227 -2.04 -1.97 -46.22
N VAL B 228 -3.31 -2.29 -46.12
CA VAL B 228 -3.77 -3.67 -46.10
C VAL B 228 -3.42 -4.36 -47.41
N ALA B 229 -3.61 -3.65 -48.52
CA ALA B 229 -3.36 -4.20 -49.87
C ALA B 229 -1.93 -4.66 -50.05
N GLY B 230 -1.01 -3.93 -49.46
CA GLY B 230 0.38 -4.36 -49.44
C GLY B 230 0.70 -5.80 -48.97
N PHE B 231 -0.16 -6.46 -48.20
CA PHE B 231 0.10 -7.83 -47.73
C PHE B 231 -0.36 -8.87 -48.75
N THR B 232 0.34 -9.01 -49.87
CA THR B 232 -0.17 -9.80 -50.99
C THR B 232 -0.32 -11.28 -50.64
N ASN B 233 0.76 -11.87 -50.16
CA ASN B 233 0.77 -13.27 -49.83
C ASN B 233 -0.21 -13.61 -48.69
N SER B 234 -0.25 -12.76 -47.65
CA SER B 234 -1.13 -13.01 -46.51
C SER B 234 -2.59 -13.05 -46.90
N LEU B 235 -2.97 -12.12 -47.73
CA LEU B 235 -4.29 -12.06 -48.30
C LEU B 235 -4.55 -13.25 -49.23
N ARG B 236 -3.55 -13.64 -50.00
CA ARG B 236 -3.63 -14.85 -50.81
C ARG B 236 -3.96 -16.08 -49.93
N MET B 237 -3.31 -16.20 -48.78
CA MET B 237 -3.51 -17.30 -47.84
C MET B 237 -4.85 -17.25 -47.08
N LEU B 238 -5.26 -16.06 -46.67
CA LEU B 238 -6.55 -15.89 -46.01
C LEU B 238 -7.69 -16.33 -46.94
N GLN B 239 -7.54 -16.02 -48.22
CA GLN B 239 -8.49 -16.48 -49.22
C GLN B 239 -8.49 -18.01 -49.37
N GLN B 240 -7.33 -18.63 -49.19
CA GLN B 240 -7.20 -20.07 -49.29
C GLN B 240 -7.44 -20.80 -47.96
N LYS B 241 -7.85 -20.03 -46.94
CA LYS B 241 -8.16 -20.55 -45.62
C LYS B 241 -6.98 -21.21 -44.90
N ARG B 242 -5.78 -20.66 -45.12
CA ARG B 242 -4.54 -21.13 -44.49
C ARG B 242 -4.15 -20.28 -43.30
N TRP B 243 -5.03 -20.27 -42.29
CA TRP B 243 -4.98 -19.30 -41.21
C TRP B 243 -3.66 -19.29 -40.43
N ASP B 244 -3.16 -20.48 -40.18
CA ASP B 244 -1.98 -20.68 -39.36
C ASP B 244 -0.74 -20.03 -39.99
N GLU B 245 -0.62 -20.11 -41.32
CA GLU B 245 0.49 -19.50 -42.07
C GLU B 245 0.36 -17.98 -42.22
N ALA B 246 -0.88 -17.52 -42.51
CA ALA B 246 -1.16 -16.10 -42.72
C ALA B 246 -0.86 -15.28 -41.47
N ALA B 247 -1.15 -15.88 -40.33
CA ALA B 247 -0.83 -15.32 -39.03
C ALA B 247 0.67 -14.99 -38.88
N VAL B 248 1.53 -15.95 -39.25
CA VAL B 248 2.98 -15.72 -39.27
C VAL B 248 3.40 -14.58 -40.21
N ASN B 249 2.85 -14.59 -41.43
CA ASN B 249 3.13 -13.55 -42.43
C ASN B 249 2.79 -12.15 -41.97
N LEU B 250 1.69 -12.04 -41.25
CA LEU B 250 1.26 -10.79 -40.69
C LEU B 250 2.22 -10.33 -39.59
N ALA B 251 2.67 -11.25 -38.76
CA ALA B 251 3.64 -10.95 -37.69
C ALA B 251 4.94 -10.29 -38.20
N LYS B 252 5.33 -10.64 -39.41
CA LYS B 252 6.55 -10.14 -40.03
C LYS B 252 6.61 -8.60 -40.34
N SER B 253 5.47 -7.94 -40.33
CA SER B 253 5.35 -6.48 -40.54
C SER B 253 5.94 -5.51 -39.47
N ARG B 254 6.32 -4.30 -39.96
CA ARG B 254 6.54 -3.09 -39.11
C ARG B 254 5.32 -2.71 -38.27
N TRP B 255 4.13 -3.03 -38.77
CA TRP B 255 2.88 -2.92 -38.03
C TRP B 255 2.98 -3.62 -36.68
N TYR B 256 3.40 -4.86 -36.73
CA TYR B 256 3.57 -5.69 -35.55
C TYR B 256 4.64 -5.15 -34.62
N ASN B 257 5.74 -4.66 -35.16
CA ASN B 257 6.78 -4.14 -34.31
C ASN B 257 6.36 -2.91 -33.51
N GLN B 258 5.67 -1.98 -34.17
CA GLN B 258 5.29 -0.71 -33.56
C GLN B 258 4.16 -0.79 -32.55
N THR B 259 3.18 -1.63 -32.87
CA THR B 259 2.05 -1.83 -31.98
C THR B 259 1.75 -3.32 -31.84
N PRO B 260 2.57 -4.12 -31.16
CA PRO B 260 2.38 -5.56 -31.12
C PRO B 260 1.09 -5.97 -30.44
N ASN B 261 0.63 -5.18 -29.51
CA ASN B 261 -0.53 -5.53 -28.76
C ASN B 261 -1.81 -5.56 -29.56
N ARG B 262 -2.04 -4.56 -30.41
CA ARG B 262 -3.21 -4.51 -31.29
C ARG B 262 -3.07 -5.47 -32.44
N ALA B 263 -1.85 -5.63 -32.91
CA ALA B 263 -1.52 -6.58 -33.93
C ALA B 263 -1.79 -8.02 -33.54
N LYS B 264 -1.40 -8.42 -32.35
CA LYS B 264 -1.64 -9.76 -31.86
C LYS B 264 -3.14 -10.10 -31.78
N ARG B 265 -3.92 -9.19 -31.20
CA ARG B 265 -5.35 -9.40 -31.09
C ARG B 265 -6.01 -9.54 -32.45
N VAL B 266 -5.65 -8.65 -33.37
CA VAL B 266 -6.19 -8.64 -34.71
C VAL B 266 -5.80 -9.90 -35.50
N ILE B 267 -4.53 -10.25 -35.46
CA ILE B 267 -4.03 -11.45 -36.11
C ILE B 267 -4.63 -12.71 -35.52
N ALA B 268 -4.76 -12.73 -34.20
CA ALA B 268 -5.36 -13.83 -33.48
C ALA B 268 -6.78 -14.06 -33.92
N THR B 269 -7.52 -12.97 -34.11
CA THR B 269 -8.88 -13.01 -34.64
C THR B 269 -8.92 -13.68 -36.01
N PHE B 270 -7.98 -13.29 -36.90
CA PHE B 270 -7.80 -13.99 -38.19
C PHE B 270 -7.53 -15.51 -38.01
N ARG B 271 -6.60 -15.87 -37.14
CA ARG B 271 -6.31 -17.29 -36.94
C ARG B 271 -7.52 -18.14 -36.48
N THR B 272 -8.11 -17.69 -35.39
CA THR B 272 -9.11 -18.46 -34.69
C THR B 272 -10.49 -18.29 -35.25
N GLY B 273 -10.77 -17.09 -35.74
CA GLY B 273 -12.08 -16.75 -36.24
C GLY B 273 -13.07 -16.58 -35.18
N THR B 274 -12.58 -16.30 -33.95
CA THR B 274 -13.42 -16.03 -32.80
C THR B 274 -12.96 -14.75 -32.13
N TRP B 275 -13.72 -14.30 -31.14
CA TRP B 275 -13.39 -13.08 -30.43
C TRP B 275 -12.64 -13.34 -29.15
N ASP B 276 -11.87 -14.40 -29.13
CA ASP B 276 -11.08 -14.79 -27.99
C ASP B 276 -10.18 -13.69 -27.42
N ALA B 277 -9.38 -13.05 -28.27
CA ALA B 277 -8.44 -12.03 -27.86
C ALA B 277 -9.08 -10.87 -27.10
N TYR B 278 -10.12 -10.31 -27.71
CA TYR B 278 -10.87 -9.22 -27.11
C TYR B 278 -11.71 -9.65 -25.90
N ASP B 279 -12.37 -10.80 -25.99
CA ASP B 279 -13.18 -11.35 -24.90
C ASP B 279 -12.35 -11.63 -23.67
N ARG B 280 -11.14 -12.11 -23.90
CA ARG B 280 -10.19 -12.34 -22.84
C ARG B 280 -9.95 -11.06 -22.02
N LEU B 281 -9.78 -9.93 -22.70
CA LEU B 281 -9.67 -8.65 -22.00
C LEU B 281 -10.93 -8.26 -21.23
N ARG B 282 -12.10 -8.38 -21.85
CA ARG B 282 -13.36 -7.92 -21.26
C ARG B 282 -13.75 -8.71 -20.01
N ALA B 283 -13.28 -9.95 -19.96
CA ALA B 283 -13.56 -10.86 -18.87
C ALA B 283 -13.09 -10.31 -17.56
N TRP B 284 -11.94 -9.67 -17.61
CA TRP B 284 -11.38 -9.02 -16.42
C TRP B 284 -12.38 -8.07 -15.74
N MET B 285 -13.13 -7.32 -16.51
CA MET B 285 -14.13 -6.43 -15.92
C MET B 285 -15.16 -7.17 -15.06
N PHE B 286 -15.63 -8.30 -15.56
CA PHE B 286 -16.57 -9.17 -14.85
C PHE B 286 -15.95 -9.84 -13.61
N ILE B 287 -14.67 -10.16 -13.68
CA ILE B 287 -13.93 -10.73 -12.56
C ILE B 287 -13.84 -9.77 -11.38
N CYS B 288 -13.57 -8.50 -11.64
CA CYS B 288 -13.64 -7.51 -10.58
C CYS B 288 -14.97 -7.48 -9.87
N ILE B 289 -16.05 -7.50 -10.61
CA ILE B 289 -17.35 -7.41 -10.00
C ILE B 289 -17.68 -8.68 -9.25
N GLY B 290 -17.52 -9.78 -9.93
CA GLY B 290 -17.77 -11.06 -9.35
C GLY B 290 -17.03 -11.42 -8.12
N TRP B 291 -15.72 -11.28 -8.09
CA TRP B 291 -14.96 -11.77 -6.96
C TRP B 291 -14.28 -10.66 -6.24
N GLY B 292 -13.78 -9.71 -6.97
CA GLY B 292 -13.05 -8.71 -6.28
C GLY B 292 -13.83 -7.68 -5.57
N VAL B 293 -15.01 -7.34 -6.00
CA VAL B 293 -15.71 -6.26 -5.37
C VAL B 293 -16.32 -6.69 -4.08
N PRO B 294 -16.80 -7.92 -3.80
CA PRO B 294 -17.28 -8.10 -2.45
C PRO B 294 -16.28 -8.49 -1.42
N PHE B 295 -15.04 -8.61 -1.83
CA PHE B 295 -13.94 -8.66 -0.92
C PHE B 295 -13.87 -7.51 0.08
N PRO B 296 -13.80 -6.20 -0.26
CA PRO B 296 -13.81 -5.12 0.70
C PRO B 296 -15.06 -5.15 1.54
N ILE B 297 -16.16 -5.57 0.95
CA ILE B 297 -17.44 -5.65 1.62
C ILE B 297 -17.36 -6.57 2.81
N ILE B 298 -16.90 -7.78 2.61
CA ILE B 298 -16.66 -8.72 3.69
C ILE B 298 -15.66 -8.23 4.72
N VAL B 299 -14.57 -7.64 4.28
CA VAL B 299 -13.58 -7.11 5.19
C VAL B 299 -14.19 -6.05 6.10
N ALA B 300 -14.97 -5.15 5.54
CA ALA B 300 -15.71 -4.19 6.34
C ALA B 300 -16.75 -4.83 7.27
N TRP B 301 -17.42 -5.87 6.82
CA TRP B 301 -18.37 -6.59 7.65
C TRP B 301 -17.70 -7.24 8.83
N ALA B 302 -16.57 -7.87 8.57
CA ALA B 302 -15.81 -8.55 9.55
C ALA B 302 -15.29 -7.59 10.57
N ILE B 303 -14.85 -6.43 10.13
CA ILE B 303 -14.50 -5.35 11.03
C ILE B 303 -15.68 -4.95 11.88
N GLY B 304 -16.83 -4.83 11.28
CA GLY B 304 -18.02 -4.46 11.98
C GLY B 304 -18.44 -5.41 13.03
N LYS B 305 -18.31 -6.68 12.75
CA LYS B 305 -18.51 -7.69 13.75
C LYS B 305 -17.44 -7.63 14.82
N LEU B 306 -16.19 -7.50 14.44
CA LEU B 306 -15.11 -7.48 15.41
C LEU B 306 -15.28 -6.41 16.49
N TYR B 307 -15.60 -5.20 16.08
CA TYR B 307 -16.06 -4.11 16.96
C TYR B 307 -17.41 -4.23 17.68
N TYR B 308 -18.49 -4.39 16.96
CA TYR B 308 -19.83 -4.25 17.52
C TYR B 308 -20.63 -5.48 17.95
N ASP B 309 -20.63 -6.50 17.10
CA ASP B 309 -21.30 -7.73 17.36
C ASP B 309 -20.22 -8.71 17.23
N ASN B 310 -19.87 -9.37 18.34
CA ASN B 310 -18.73 -10.29 18.39
C ASN B 310 -19.01 -11.74 18.81
N GLU B 311 -20.25 -12.20 18.67
CA GLU B 311 -20.65 -13.45 19.30
C GLU B 311 -21.29 -14.51 18.39
N LYS B 312 -21.24 -15.76 18.85
CA LYS B 312 -21.84 -16.90 18.15
C LYS B 312 -21.32 -17.15 16.74
N CYS B 313 -20.00 -17.03 16.56
CA CYS B 313 -19.40 -17.24 15.25
C CYS B 313 -19.75 -16.22 14.18
N TRP B 314 -20.23 -15.06 14.60
CA TRP B 314 -20.66 -14.05 13.67
C TRP B 314 -21.95 -14.43 12.96
N ALA B 315 -22.61 -15.44 13.50
CA ALA B 315 -23.73 -16.05 12.86
C ALA B 315 -24.99 -15.85 13.68
N GLY B 316 -24.89 -15.11 14.76
CA GLY B 316 -26.05 -15.01 15.61
C GLY B 316 -27.09 -14.02 15.28
N LYS B 317 -28.36 -14.50 15.31
CA LYS B 317 -29.54 -13.64 15.20
C LYS B 317 -29.67 -12.79 16.44
N ARG B 318 -30.02 -11.52 16.24
CA ARG B 318 -30.12 -10.58 17.32
C ARG B 318 -31.07 -9.44 16.94
N TYR B 322 -28.09 -4.04 13.58
CA TYR B 322 -27.90 -4.73 12.34
C TYR B 322 -26.49 -4.53 11.84
N THR B 323 -25.76 -5.64 11.69
CA THR B 323 -24.38 -5.55 11.22
C THR B 323 -24.19 -6.45 10.05
N ASP B 324 -25.25 -7.10 9.63
CA ASP B 324 -25.14 -7.95 8.49
C ASP B 324 -25.71 -7.22 7.33
N TYR B 325 -26.13 -5.98 7.57
CA TYR B 325 -26.60 -5.09 6.53
C TYR B 325 -25.42 -4.67 5.71
N ILE B 326 -24.25 -4.69 6.32
CA ILE B 326 -23.05 -4.33 5.63
C ILE B 326 -22.84 -5.16 4.35
N TYR B 327 -23.12 -6.48 4.39
CA TYR B 327 -23.05 -7.30 3.18
C TYR B 327 -24.39 -7.53 2.46
N GLN B 328 -25.43 -7.77 3.23
CA GLN B 328 -26.81 -7.94 2.76
C GLN B 328 -27.30 -6.74 1.96
N GLY B 329 -26.96 -5.55 2.43
CA GLY B 329 -27.24 -4.30 1.79
C GLY B 329 -26.79 -4.28 0.37
N PRO B 330 -25.51 -4.45 -0.01
CA PRO B 330 -25.02 -4.48 -1.38
C PRO B 330 -25.70 -5.59 -2.14
N MET B 331 -26.00 -6.70 -1.54
CA MET B 331 -26.64 -7.76 -2.25
C MET B 331 -28.01 -7.33 -2.75
N ALA B 332 -28.76 -6.68 -1.88
CA ALA B 332 -30.05 -6.14 -2.24
C ALA B 332 -29.94 -5.06 -3.32
N LEU B 333 -28.98 -4.19 -3.15
CA LEU B 333 -28.73 -3.11 -4.08
C LEU B 333 -28.47 -3.60 -5.48
N VAL B 334 -27.63 -4.60 -5.57
CA VAL B 334 -27.28 -5.26 -6.81
C VAL B 334 -28.51 -5.96 -7.46
N LEU B 335 -29.34 -6.61 -6.64
CA LEU B 335 -30.58 -7.22 -7.14
C LEU B 335 -31.50 -6.20 -7.79
N LEU B 336 -31.65 -5.05 -7.15
CA LEU B 336 -32.44 -3.93 -7.64
C LEU B 336 -32.00 -3.44 -9.01
N ILE B 337 -30.71 -3.20 -9.15
CA ILE B 337 -30.16 -2.80 -10.42
C ILE B 337 -30.36 -3.87 -11.52
N ASN B 338 -30.27 -5.14 -11.13
CA ASN B 338 -30.54 -6.26 -12.03
C ASN B 338 -31.97 -6.25 -12.56
N PHE B 339 -32.91 -5.90 -11.70
CA PHE B 339 -34.31 -5.71 -12.11
C PHE B 339 -34.44 -4.54 -13.10
N ILE B 340 -33.73 -3.43 -12.85
CA ILE B 340 -33.71 -2.33 -13.80
C ILE B 340 -33.18 -2.78 -15.17
N PHE B 341 -32.09 -3.54 -15.18
CA PHE B 341 -31.59 -4.12 -16.42
C PHE B 341 -32.59 -5.00 -17.11
N LEU B 342 -33.23 -5.88 -16.36
CA LEU B 342 -34.24 -6.79 -16.89
C LEU B 342 -35.39 -6.04 -17.52
N PHE B 343 -35.87 -4.95 -16.88
CA PHE B 343 -36.93 -4.14 -17.45
C PHE B 343 -36.54 -3.66 -18.85
N ASN B 344 -35.36 -3.08 -18.97
CA ASN B 344 -34.87 -2.65 -20.27
C ASN B 344 -34.66 -3.76 -21.30
N ILE B 345 -34.07 -4.88 -20.92
CA ILE B 345 -33.82 -5.96 -21.87
C ILE B 345 -35.10 -6.51 -22.44
N VAL B 346 -36.10 -6.66 -21.59
CA VAL B 346 -37.44 -7.01 -22.01
C VAL B 346 -38.03 -5.93 -22.92
N ARG B 347 -37.86 -4.66 -22.56
CA ARG B 347 -38.37 -3.57 -23.39
C ARG B 347 -37.80 -3.60 -24.77
N ILE B 348 -36.50 -3.79 -24.88
CA ILE B 348 -35.84 -3.81 -26.16
C ILE B 348 -36.27 -5.00 -27.00
N LEU B 349 -36.34 -6.16 -26.39
CA LEU B 349 -36.78 -7.34 -27.09
C LEU B 349 -38.18 -7.20 -27.69
N MET B 350 -39.11 -6.78 -26.86
CA MET B 350 -40.50 -6.61 -27.28
C MET B 350 -40.69 -5.50 -28.31
N THR B 351 -40.01 -4.37 -28.12
CA THR B 351 -40.07 -3.29 -29.08
C THR B 351 -39.25 -3.08 -30.37
N LYS B 352 -37.91 -3.14 -30.25
CA LYS B 352 -36.97 -2.75 -31.31
C LYS B 352 -36.54 -4.07 -31.92
N LEU B 353 -36.20 -5.03 -31.07
CA LEU B 353 -35.63 -6.28 -31.54
C LEU B 353 -36.66 -7.39 -31.64
N ARG B 354 -37.95 -7.05 -31.82
CA ARG B 354 -38.97 -8.08 -31.86
C ARG B 354 -38.87 -8.88 -33.12
N ALA B 355 -38.74 -8.18 -34.22
CA ALA B 355 -38.66 -8.83 -35.49
C ALA B 355 -37.24 -9.23 -35.86
N SER B 356 -36.20 -8.83 -35.09
CA SER B 356 -34.86 -9.19 -35.55
C SER B 356 -34.53 -10.60 -35.17
N THR B 357 -33.82 -11.30 -36.05
CA THR B 357 -33.47 -12.66 -35.78
C THR B 357 -32.01 -12.82 -36.15
N THR B 358 -31.17 -12.83 -35.12
CA THR B 358 -29.74 -12.98 -35.27
C THR B 358 -29.23 -13.69 -34.04
N SER B 359 -27.95 -14.07 -34.06
CA SER B 359 -27.39 -14.91 -33.02
C SER B 359 -27.47 -14.23 -31.67
N GLU B 360 -27.19 -12.93 -31.65
CA GLU B 360 -27.30 -12.15 -30.42
C GLU B 360 -28.72 -12.08 -29.81
N THR B 361 -29.71 -11.83 -30.64
CA THR B 361 -31.09 -11.72 -30.19
C THR B 361 -31.65 -13.03 -29.66
N ILE B 362 -31.36 -14.11 -30.37
CA ILE B 362 -31.76 -15.45 -29.98
C ILE B 362 -31.20 -15.85 -28.60
N GLN B 363 -29.92 -15.61 -28.38
CA GLN B 363 -29.30 -15.86 -27.09
C GLN B 363 -29.87 -14.96 -25.98
N ALA B 364 -30.15 -13.70 -26.30
CA ALA B 364 -30.89 -12.81 -25.41
C ALA B 364 -32.28 -13.31 -25.02
N ARG B 365 -33.02 -13.85 -25.98
CA ARG B 365 -34.34 -14.39 -25.72
C ARG B 365 -34.28 -15.53 -24.72
N LYS B 366 -33.34 -16.43 -24.95
CA LYS B 366 -33.13 -17.55 -24.04
C LYS B 366 -32.81 -17.06 -22.61
N ALA B 367 -31.90 -16.10 -22.52
CA ALA B 367 -31.47 -15.62 -21.23
C ALA B 367 -32.61 -15.00 -20.44
N VAL B 368 -33.41 -14.18 -21.11
CA VAL B 368 -34.56 -13.58 -20.46
C VAL B 368 -35.55 -14.63 -19.97
N LYS B 369 -35.88 -15.60 -20.82
CA LYS B 369 -36.87 -16.61 -20.48
C LYS B 369 -36.44 -17.43 -19.30
N ALA B 370 -35.17 -17.80 -19.32
CA ALA B 370 -34.54 -18.56 -18.26
C ALA B 370 -34.49 -17.79 -16.95
N THR B 371 -34.15 -16.51 -17.01
CA THR B 371 -34.10 -15.69 -15.81
C THR B 371 -35.50 -15.45 -15.23
N LEU B 372 -36.51 -15.28 -16.09
CA LEU B 372 -37.91 -15.24 -15.63
C LEU B 372 -38.34 -16.50 -14.87
N VAL B 373 -38.04 -17.70 -15.40
CA VAL B 373 -38.21 -18.95 -14.62
C VAL B 373 -37.37 -18.99 -13.32
N LEU B 374 -36.06 -18.77 -13.43
CA LEU B 374 -35.12 -18.98 -12.33
C LEU B 374 -35.14 -17.96 -11.23
N LEU B 375 -35.57 -16.75 -11.58
CA LEU B 375 -35.81 -15.68 -10.62
C LEU B 375 -36.79 -16.09 -9.52
N PRO B 376 -38.03 -16.52 -9.72
CA PRO B 376 -38.90 -16.92 -8.62
C PRO B 376 -38.43 -18.14 -7.85
N LEU B 377 -37.75 -19.08 -8.49
CA LEU B 377 -37.24 -20.23 -7.78
C LEU B 377 -36.32 -19.86 -6.62
N LEU B 378 -35.41 -18.93 -6.89
CA LEU B 378 -34.41 -18.60 -5.88
C LEU B 378 -34.87 -17.45 -5.05
N GLY B 379 -35.71 -16.61 -5.65
CA GLY B 379 -36.30 -15.47 -5.00
C GLY B 379 -37.21 -15.78 -3.87
N ILE B 380 -38.05 -16.77 -4.11
CA ILE B 380 -39.12 -17.11 -3.19
C ILE B 380 -38.59 -17.42 -1.78
N THR B 381 -37.44 -18.08 -1.72
CA THR B 381 -36.79 -18.36 -0.46
C THR B 381 -36.43 -17.09 0.34
N TYR B 382 -35.84 -16.09 -0.36
CA TYR B 382 -35.46 -14.82 0.28
C TYR B 382 -36.65 -14.05 0.78
N MET B 383 -37.73 -14.01 -0.02
CA MET B 383 -38.94 -13.36 0.43
C MET B 383 -39.47 -13.96 1.71
N LEU B 384 -39.50 -15.28 1.75
CA LEU B 384 -40.06 -15.95 2.90
C LEU B 384 -39.19 -15.83 4.16
N ALA B 385 -37.88 -16.02 4.00
CA ALA B 385 -36.94 -15.97 5.13
C ALA B 385 -36.92 -14.65 5.91
N VAL B 398 -44.57 -26.65 7.40
CA VAL B 398 -44.84 -26.50 5.95
C VAL B 398 -43.77 -25.58 5.36
N PHE B 399 -43.62 -24.41 5.99
CA PHE B 399 -42.57 -23.46 5.68
C PHE B 399 -41.22 -24.09 5.97
N ILE B 400 -41.17 -24.80 7.07
CA ILE B 400 -39.92 -25.28 7.56
C ILE B 400 -39.30 -26.20 6.56
N TYR B 401 -40.09 -27.12 6.04
CA TYR B 401 -39.68 -28.01 4.97
C TYR B 401 -39.50 -27.39 3.62
N PHE B 402 -40.40 -26.52 3.25
CA PHE B 402 -40.36 -25.89 1.95
C PHE B 402 -39.11 -25.07 1.82
N ASN B 403 -38.75 -24.41 2.88
CA ASN B 403 -37.53 -23.62 2.91
C ASN B 403 -36.29 -24.49 2.71
N ALA B 404 -36.26 -25.64 3.37
CA ALA B 404 -35.08 -26.46 3.32
C ALA B 404 -34.94 -27.13 1.98
N PHE B 405 -36.06 -27.40 1.33
CA PHE B 405 -36.02 -27.85 -0.04
C PHE B 405 -35.34 -26.83 -0.95
N LEU B 406 -35.84 -25.61 -1.00
CA LEU B 406 -35.28 -24.61 -1.90
C LEU B 406 -33.89 -24.10 -1.56
N GLU B 407 -33.59 -23.95 -0.28
CA GLU B 407 -32.25 -23.51 0.13
C GLU B 407 -31.17 -24.47 -0.36
N SER B 408 -31.46 -25.75 -0.19
CA SER B 408 -30.55 -26.80 -0.61
C SER B 408 -30.44 -26.98 -2.12
N PHE B 409 -31.57 -26.83 -2.82
CA PHE B 409 -31.67 -27.06 -4.26
C PHE B 409 -31.27 -25.86 -5.13
N GLN B 410 -30.98 -24.72 -4.53
CA GLN B 410 -30.58 -23.54 -5.29
C GLN B 410 -29.42 -23.79 -6.25
N GLY B 411 -28.45 -24.55 -5.81
CA GLY B 411 -27.34 -24.96 -6.63
C GLY B 411 -27.74 -25.75 -7.84
N PHE B 412 -28.65 -26.72 -7.71
CA PHE B 412 -29.17 -27.49 -8.84
C PHE B 412 -29.86 -26.61 -9.88
N PHE B 413 -30.65 -25.66 -9.41
CA PHE B 413 -31.32 -24.74 -10.30
C PHE B 413 -30.34 -23.97 -11.16
N VAL B 414 -29.29 -23.45 -10.56
CA VAL B 414 -28.24 -22.80 -11.31
C VAL B 414 -27.63 -23.67 -12.40
N SER B 415 -27.32 -24.92 -12.10
CA SER B 415 -26.77 -25.82 -13.10
C SER B 415 -27.65 -26.04 -14.30
N VAL B 416 -28.94 -26.22 -14.07
CA VAL B 416 -29.89 -26.34 -15.15
C VAL B 416 -29.91 -25.07 -15.98
N PHE B 417 -29.92 -23.94 -15.32
CA PHE B 417 -29.95 -22.67 -15.98
C PHE B 417 -28.72 -22.41 -16.86
N ALA B 418 -27.55 -22.67 -16.32
CA ALA B 418 -26.28 -22.54 -17.04
C ALA B 418 -26.16 -23.48 -18.23
N CYS B 419 -26.54 -24.73 -17.99
CA CYS B 419 -26.60 -25.78 -18.99
C CYS B 419 -27.61 -25.50 -20.12
N PHE B 420 -28.76 -24.94 -19.76
CA PHE B 420 -29.73 -24.46 -20.74
C PHE B 420 -29.13 -23.41 -21.70
N LEU B 421 -28.52 -22.38 -21.14
CA LEU B 421 -27.99 -21.29 -21.97
C LEU B 421 -26.83 -21.71 -22.87
N ASN B 422 -25.89 -22.49 -22.35
CA ASN B 422 -24.80 -22.95 -23.19
C ASN B 422 -25.26 -23.84 -24.39
N SER B 423 -26.05 -24.89 -24.09
CA SER B 423 -26.53 -25.86 -25.10
C SER B 423 -25.48 -26.44 -26.10
N HIS C 15 27.77 -1.59 -16.36
CA HIS C 15 26.51 -0.97 -15.94
C HIS C 15 26.08 -1.47 -14.57
N VAL C 16 26.13 -2.79 -14.38
CA VAL C 16 25.75 -3.38 -13.10
C VAL C 16 26.64 -2.81 -12.02
N ALA C 17 27.93 -2.68 -12.31
CA ALA C 17 28.89 -2.14 -11.36
C ALA C 17 28.53 -0.73 -10.89
N ALA C 18 28.09 0.12 -11.81
CA ALA C 18 27.71 1.48 -11.49
C ALA C 18 26.54 1.52 -10.51
N ILE C 19 25.60 0.61 -10.72
CA ILE C 19 24.49 0.42 -9.82
C ILE C 19 24.98 0.02 -8.44
N ILE C 20 25.94 -0.91 -8.36
CA ILE C 20 26.44 -1.33 -7.04
C ILE C 20 26.99 -0.15 -6.29
N ASN C 21 27.77 0.65 -6.99
CA ASN C 21 28.41 1.80 -6.39
C ASN C 21 27.41 2.83 -5.87
N TYR C 22 26.43 3.13 -6.69
CA TYR C 22 25.37 4.03 -6.30
C TYR C 22 24.58 3.54 -5.07
N LEU C 23 24.22 2.27 -5.14
CA LEU C 23 23.42 1.61 -4.14
C LEU C 23 24.12 1.51 -2.80
N GLY C 24 25.39 1.15 -2.86
CA GLY C 24 26.25 1.06 -1.75
C GLY C 24 26.40 2.33 -1.02
N HIS C 25 26.48 3.41 -1.78
CA HIS C 25 26.57 4.73 -1.19
C HIS C 25 25.32 5.11 -0.40
N CYS C 26 24.14 4.77 -0.93
CA CYS C 26 22.89 5.05 -0.21
C CYS C 26 22.77 4.25 1.08
N ILE C 27 23.20 3.00 1.06
CA ILE C 27 23.19 2.17 2.26
C ILE C 27 24.13 2.71 3.32
N SER C 28 25.32 3.10 2.90
CA SER C 28 26.31 3.62 3.79
C SER C 28 25.88 4.91 4.43
N LEU C 29 25.30 5.78 3.65
CA LEU C 29 24.83 7.05 4.12
C LEU C 29 23.76 6.90 5.16
N VAL C 30 22.77 6.10 4.85
CA VAL C 30 21.69 5.80 5.77
C VAL C 30 22.24 5.17 7.05
N ALA C 31 23.13 4.21 6.90
CA ALA C 31 23.74 3.55 8.05
C ALA C 31 24.49 4.49 8.96
N LEU C 32 25.35 5.33 8.39
CA LEU C 32 26.12 6.27 9.15
C LEU C 32 25.22 7.24 9.85
N LEU C 33 24.21 7.71 9.15
CA LEU C 33 23.29 8.69 9.68
C LEU C 33 22.53 8.12 10.86
N VAL C 34 22.06 6.88 10.73
CA VAL C 34 21.39 6.21 11.83
C VAL C 34 22.29 6.08 13.04
N ALA C 35 23.53 5.69 12.82
CA ALA C 35 24.47 5.57 13.90
C ALA C 35 24.68 6.87 14.61
N PHE C 36 24.83 7.91 13.83
CA PHE C 36 24.98 9.25 14.33
C PHE C 36 23.84 9.68 15.25
N VAL C 37 22.60 9.46 14.82
CA VAL C 37 21.44 9.79 15.63
C VAL C 37 21.43 9.00 16.93
N LEU C 38 21.77 7.72 16.86
CA LEU C 38 21.87 6.90 18.05
C LEU C 38 22.89 7.44 19.08
N PHE C 39 24.05 7.87 18.61
CA PHE C 39 25.04 8.45 19.50
C PHE C 39 24.52 9.75 20.11
N LEU C 40 23.80 10.54 19.33
CA LEU C 40 23.10 11.70 19.84
C LEU C 40 22.09 11.38 20.97
N ARG C 41 21.34 10.30 20.83
CA ARG C 41 20.35 9.91 21.85
C ARG C 41 20.97 9.45 23.22
N ALA C 42 22.06 8.71 23.19
CA ALA C 42 22.67 8.18 24.41
C ALA C 42 23.28 9.25 25.37
N ARG C 43 23.19 8.99 26.70
CA ARG C 43 23.84 9.82 27.74
C ARG C 43 25.37 9.79 27.62
N SER C 44 25.83 8.70 27.00
CA SER C 44 27.25 8.46 26.76
C SER C 44 27.88 9.59 25.92
N ILE C 45 27.04 10.36 25.24
CA ILE C 45 27.48 11.49 24.41
C ILE C 45 28.22 12.51 25.23
N ARG C 46 27.78 12.71 26.47
CA ARG C 46 28.47 13.62 27.36
C ARG C 46 29.92 13.14 27.66
N CYS C 47 30.18 11.83 27.54
CA CYS C 47 31.62 11.38 27.59
C CYS C 47 32.42 11.72 26.30
N LEU C 48 33.71 12.06 26.50
CA LEU C 48 34.71 12.27 25.42
C LEU C 48 34.81 11.19 24.34
N ARG C 49 34.64 9.92 24.72
CA ARG C 49 34.72 8.80 23.77
C ARG C 49 33.74 8.96 22.64
N ASN C 50 32.49 9.10 23.01
CA ASN C 50 31.39 9.17 22.08
C ASN C 50 31.38 10.46 21.29
N ILE C 51 31.93 11.53 21.88
CA ILE C 51 32.10 12.78 21.14
C ILE C 51 32.98 12.58 19.92
N ILE C 52 34.12 11.94 20.13
CA ILE C 52 34.99 11.58 19.05
C ILE C 52 34.31 10.64 18.08
N HIS C 53 33.62 9.65 18.56
CA HIS C 53 32.94 8.74 17.65
C HIS C 53 31.91 9.44 16.78
N ALA C 54 31.10 10.29 17.38
CA ALA C 54 30.08 11.07 16.68
C ALA C 54 30.64 11.95 15.58
N ASN C 55 31.73 12.64 15.89
CA ASN C 55 32.48 13.44 14.92
C ASN C 55 33.05 12.59 13.78
N LEU C 56 33.62 11.44 14.10
CA LEU C 56 34.13 10.51 13.11
C LEU C 56 33.04 10.02 12.15
N ILE C 57 31.91 9.65 12.70
CA ILE C 57 30.75 9.29 11.92
C ILE C 57 30.28 10.45 11.04
N ALA C 58 30.27 11.65 11.60
CA ALA C 58 29.86 12.82 10.87
C ALA C 58 30.76 13.14 9.66
N ALA C 59 32.05 12.94 9.81
CA ALA C 59 32.98 13.14 8.71
C ALA C 59 32.73 12.23 7.51
N PHE C 60 32.49 10.96 7.82
CA PHE C 60 32.12 9.95 6.87
C PHE C 60 30.78 10.26 6.19
N ILE C 61 29.81 10.75 6.95
CA ILE C 61 28.52 11.10 6.38
C ILE C 61 28.67 12.19 5.34
N LEU C 62 29.43 13.20 5.69
CA LEU C 62 29.65 14.34 4.81
C LEU C 62 30.34 13.94 3.53
N ARG C 63 31.33 13.08 3.62
CA ARG C 63 31.92 12.51 2.42
C ARG C 63 30.92 11.76 1.53
N ASN C 64 30.14 10.88 2.12
CA ASN C 64 29.16 10.11 1.36
C ASN C 64 28.11 10.97 0.68
N ALA C 65 27.64 11.96 1.37
CA ALA C 65 26.74 12.93 0.81
C ALA C 65 27.39 13.71 -0.37
N THR C 66 28.62 14.14 -0.17
CA THR C 66 29.39 14.86 -1.17
C THR C 66 29.59 14.02 -2.41
N TRP C 67 29.75 12.71 -2.25
CA TRP C 67 29.95 11.83 -3.39
C TRP C 67 28.78 11.91 -4.38
N PHE C 68 27.55 11.97 -3.87
CA PHE C 68 26.40 12.18 -4.72
C PHE C 68 26.52 13.46 -5.51
N VAL C 69 26.92 14.52 -4.85
CA VAL C 69 27.14 15.78 -5.53
C VAL C 69 28.23 15.67 -6.60
N VAL C 70 29.36 15.07 -6.26
CA VAL C 70 30.45 14.93 -7.21
C VAL C 70 30.08 14.21 -8.49
N GLN C 71 29.12 13.31 -8.40
CA GLN C 71 28.58 12.62 -9.55
C GLN C 71 27.88 13.52 -10.60
N LEU C 72 27.23 14.58 -10.15
CA LEU C 72 26.69 15.58 -11.05
C LEU C 72 27.81 16.31 -11.83
N THR C 73 28.92 16.54 -11.13
CA THR C 73 30.14 17.16 -11.67
C THR C 73 30.96 16.18 -12.53
N MET C 74 30.51 14.93 -12.59
CA MET C 74 31.21 13.91 -13.36
C MET C 74 31.21 14.17 -14.89
N SER C 75 30.19 14.89 -15.40
CA SER C 75 29.94 14.89 -16.87
C SER C 75 31.06 15.61 -17.69
N PRO C 76 31.41 15.16 -18.94
CA PRO C 76 32.60 15.60 -19.71
C PRO C 76 32.56 17.11 -20.05
N GLU C 77 31.36 17.62 -20.35
CA GLU C 77 31.15 19.06 -20.53
C GLU C 77 31.72 19.82 -19.32
N VAL C 78 31.28 19.38 -18.12
CA VAL C 78 31.64 19.99 -16.84
C VAL C 78 33.14 19.94 -16.57
N HIS C 79 33.77 18.79 -16.77
CA HIS C 79 35.24 18.70 -16.66
C HIS C 79 36.00 19.69 -17.61
N GLN C 80 35.59 19.76 -18.89
CA GLN C 80 36.25 20.63 -19.87
C GLN C 80 36.15 22.12 -19.54
N SER C 81 35.11 22.48 -18.76
CA SER C 81 35.00 23.85 -18.29
C SER C 81 35.41 23.87 -16.82
N ASN C 82 36.42 24.66 -16.48
CA ASN C 82 36.95 24.57 -15.14
C ASN C 82 36.29 25.62 -14.28
N VAL C 83 34.98 25.50 -14.14
CA VAL C 83 34.24 26.55 -13.51
C VAL C 83 34.51 26.53 -12.03
N GLY C 84 34.22 27.64 -11.38
CA GLY C 84 34.43 27.82 -9.98
C GLY C 84 33.78 26.83 -9.08
N TRP C 85 32.53 26.48 -9.35
CA TRP C 85 31.86 25.63 -8.41
C TRP C 85 32.21 24.18 -8.65
N CYS C 86 32.70 23.87 -9.83
CA CYS C 86 33.27 22.57 -10.10
C CYS C 86 34.43 22.28 -9.16
N ARG C 87 35.28 23.27 -9.01
CA ARG C 87 36.45 23.14 -8.19
C ARG C 87 36.10 23.21 -6.71
N LEU C 88 35.03 23.91 -6.37
CA LEU C 88 34.60 23.95 -4.99
C LEU C 88 34.24 22.57 -4.49
N VAL C 89 33.48 21.84 -5.29
CA VAL C 89 33.08 20.51 -4.90
C VAL C 89 34.23 19.53 -4.75
N THR C 90 35.21 19.60 -5.64
CA THR C 90 36.42 18.81 -5.47
C THR C 90 37.16 19.13 -4.18
N ALA C 91 37.43 20.39 -3.95
CA ALA C 91 38.14 20.84 -2.77
C ALA C 91 37.44 20.43 -1.47
N ALA C 92 36.11 20.55 -1.47
CA ALA C 92 35.25 20.09 -0.38
C ALA C 92 35.32 18.59 -0.19
N TYR C 93 35.16 17.86 -1.27
CA TYR C 93 35.27 16.40 -1.27
C TYR C 93 36.59 15.90 -0.67
N ASN C 94 37.67 16.51 -1.09
CA ASN C 94 39.00 16.14 -0.68
C ASN C 94 39.24 16.48 0.78
N TYR C 95 38.73 17.62 1.21
CA TYR C 95 38.80 18.00 2.61
C TYR C 95 38.08 17.00 3.51
N PHE C 96 36.95 16.50 3.05
CA PHE C 96 36.23 15.41 3.70
C PHE C 96 37.07 14.20 3.88
N HIS C 97 37.80 13.84 2.85
CA HIS C 97 38.67 12.71 2.89
C HIS C 97 39.81 12.87 3.91
N VAL C 98 40.37 14.07 3.97
CA VAL C 98 41.38 14.40 4.96
C VAL C 98 40.82 14.30 6.33
N THR C 99 39.61 14.79 6.48
CA THR C 99 38.86 14.75 7.72
C THR C 99 38.70 13.32 8.20
N ASN C 100 38.30 12.42 7.34
CA ASN C 100 38.16 11.01 7.68
C ASN C 100 39.44 10.43 8.29
N PHE C 101 40.56 10.66 7.67
CA PHE C 101 41.84 10.16 8.16
C PHE C 101 42.19 10.77 9.49
N PHE C 102 42.07 12.07 9.56
CA PHE C 102 42.31 12.85 10.77
C PHE C 102 41.40 12.48 11.96
N TRP C 103 40.11 12.25 11.74
CA TRP C 103 39.24 11.69 12.76
C TRP C 103 39.60 10.26 13.19
N MET C 104 39.95 9.40 12.25
CA MET C 104 40.46 8.09 12.61
C MET C 104 41.69 8.19 13.51
N PHE C 105 42.60 9.09 13.19
CA PHE C 105 43.73 9.43 14.05
C PHE C 105 43.30 10.05 15.40
N GLY C 106 42.14 10.67 15.43
CA GLY C 106 41.55 11.14 16.65
C GLY C 106 41.20 9.99 17.56
N GLU C 107 40.64 8.93 16.98
CA GLU C 107 40.39 7.68 17.69
C GLU C 107 41.69 7.06 18.19
N GLY C 108 42.69 7.06 17.33
CA GLY C 108 43.95 6.48 17.69
C GLY C 108 44.58 7.16 18.85
N CYS C 109 44.55 8.50 18.87
CA CYS C 109 45.16 9.27 19.95
C CYS C 109 44.45 9.05 21.29
N TYR C 110 43.12 9.01 21.29
CA TYR C 110 42.43 8.66 22.53
C TYR C 110 42.79 7.24 23.00
N LEU C 111 42.64 6.27 22.10
CA LEU C 111 42.88 4.87 22.42
C LEU C 111 44.26 4.62 22.98
N HIS C 112 45.27 5.10 22.26
CA HIS C 112 46.64 4.99 22.71
C HIS C 112 46.85 5.49 24.13
N THR C 113 46.57 6.77 24.42
CA THR C 113 46.81 7.28 25.77
C THR C 113 45.96 6.58 26.85
N ALA C 114 44.70 6.32 26.53
CA ALA C 114 43.81 5.75 27.50
C ALA C 114 44.34 4.42 28.03
N ILE C 115 44.91 3.61 27.14
CA ILE C 115 45.50 2.37 27.59
C ILE C 115 46.94 2.59 28.11
N VAL C 116 47.71 3.28 27.29
CA VAL C 116 49.14 3.44 27.49
C VAL C 116 49.56 4.29 28.68
N LEU C 117 49.06 5.52 28.74
CA LEU C 117 49.62 6.46 29.69
C LEU C 117 48.84 6.46 31.01
N THR C 118 47.50 6.35 30.93
CA THR C 118 46.69 6.08 32.13
C THR C 118 47.16 4.82 32.91
N ASP C 279 44.86 12.90 32.28
CA ASP C 279 44.92 13.19 30.82
C ASP C 279 44.47 14.61 30.45
N ARG C 280 45.36 15.27 29.73
CA ARG C 280 45.24 16.66 29.32
C ARG C 280 44.18 16.84 28.22
N LEU C 281 43.97 15.74 27.48
CA LEU C 281 43.19 15.75 26.27
C LEU C 281 41.76 16.14 26.52
N ARG C 282 41.17 16.91 25.58
CA ARG C 282 39.76 17.20 25.68
C ARG C 282 39.17 17.44 24.30
N ALA C 283 37.88 17.79 24.33
CA ALA C 283 37.10 17.89 23.13
C ALA C 283 37.65 18.89 22.14
N TRP C 284 38.04 20.07 22.63
CA TRP C 284 38.48 21.14 21.74
C TRP C 284 39.64 20.72 20.86
N MET C 285 40.61 20.05 21.44
CA MET C 285 41.76 19.60 20.72
C MET C 285 41.39 18.65 19.60
N PHE C 286 40.53 17.70 19.89
CA PHE C 286 40.11 16.76 18.87
C PHE C 286 39.42 17.44 17.72
N ILE C 287 38.57 18.40 18.04
CA ILE C 287 37.86 19.17 17.03
C ILE C 287 38.83 19.92 16.10
N CYS C 288 39.87 20.54 16.66
CA CYS C 288 40.89 21.19 15.83
C CYS C 288 41.63 20.22 14.89
N ILE C 289 42.07 19.08 15.39
CA ILE C 289 42.79 18.13 14.56
C ILE C 289 41.89 17.59 13.48
N GLY C 290 40.67 17.27 13.85
CA GLY C 290 39.63 16.66 13.06
C GLY C 290 38.92 17.45 12.04
N TRP C 291 38.36 18.59 12.38
CA TRP C 291 37.70 19.45 11.42
C TRP C 291 38.71 20.57 11.06
N GLY C 292 39.40 21.08 12.04
CA GLY C 292 40.21 22.25 11.81
C GLY C 292 41.43 22.25 10.93
N VAL C 293 42.33 21.31 11.16
CA VAL C 293 43.60 21.23 10.49
C VAL C 293 43.44 20.91 9.03
N PRO C 294 42.56 20.03 8.56
CA PRO C 294 42.53 19.69 7.17
C PRO C 294 42.28 20.91 6.27
N PHE C 295 41.60 21.92 6.74
CA PHE C 295 41.39 23.11 5.94
C PHE C 295 42.72 23.76 5.45
N PRO C 296 43.77 24.10 6.24
CA PRO C 296 45.06 24.61 5.82
C PRO C 296 45.73 23.74 4.78
N ILE C 297 45.66 22.43 4.95
CA ILE C 297 46.26 21.49 4.04
C ILE C 297 45.61 21.62 2.65
N ILE C 298 44.28 21.65 2.65
CA ILE C 298 43.48 21.88 1.45
C ILE C 298 43.75 23.23 0.81
N VAL C 299 43.86 24.27 1.61
CA VAL C 299 44.18 25.59 1.07
C VAL C 299 45.50 25.52 0.31
N ALA C 300 46.51 24.94 0.93
CA ALA C 300 47.82 24.73 0.32
C ALA C 300 47.74 23.86 -0.94
N TRP C 301 46.87 22.88 -0.93
CA TRP C 301 46.67 22.09 -2.12
C TRP C 301 46.10 22.95 -3.27
N ALA C 302 45.18 23.85 -2.92
CA ALA C 302 44.52 24.77 -3.84
C ALA C 302 45.50 25.62 -4.65
N ILE C 303 46.50 26.10 -3.94
CA ILE C 303 47.51 26.92 -4.53
C ILE C 303 48.34 26.10 -5.55
N GLY C 304 48.64 24.84 -5.19
CA GLY C 304 49.38 23.96 -6.06
C GLY C 304 48.72 23.70 -7.38
N LYS C 305 47.44 23.55 -7.36
CA LYS C 305 46.68 23.39 -8.58
C LYS C 305 46.76 24.62 -9.44
N LEU C 306 46.64 25.78 -8.81
CA LEU C 306 46.72 27.03 -9.55
C LEU C 306 48.02 27.15 -10.33
N TYR C 307 49.13 26.74 -9.71
CA TYR C 307 50.42 26.83 -10.39
C TYR C 307 50.76 25.66 -11.33
N TYR C 308 50.77 24.44 -10.79
CA TYR C 308 51.19 23.27 -11.56
C TYR C 308 50.02 22.66 -12.39
N ASP C 309 48.88 22.34 -11.73
CA ASP C 309 47.80 21.54 -12.41
C ASP C 309 46.42 22.25 -12.35
N ASN C 310 45.93 22.82 -13.46
CA ASN C 310 44.63 23.50 -13.46
C ASN C 310 43.61 22.76 -14.31
N GLU C 311 43.97 21.58 -14.71
CA GLU C 311 43.15 20.75 -15.56
C GLU C 311 41.92 20.19 -14.78
N LYS C 312 40.87 19.84 -15.58
CA LYS C 312 39.71 19.02 -15.17
C LYS C 312 39.20 19.16 -13.71
N CYS C 313 38.69 20.36 -13.38
CA CYS C 313 38.14 20.71 -12.04
C CYS C 313 38.94 20.23 -10.85
N TRP C 314 40.26 20.29 -10.97
CA TRP C 314 41.13 19.90 -9.86
C TRP C 314 41.11 18.38 -9.57
N ALA C 315 40.14 17.69 -10.18
CA ALA C 315 39.98 16.25 -10.02
C ALA C 315 40.88 15.48 -11.00
N GLY C 316 41.36 16.17 -12.03
CA GLY C 316 42.11 15.53 -13.06
C GLY C 316 43.58 15.30 -12.75
N LYS C 317 44.02 14.06 -13.05
CA LYS C 317 45.40 13.65 -12.88
C LYS C 317 46.15 13.71 -14.21
N ARG C 318 47.48 13.85 -14.09
CA ARG C 318 48.35 14.16 -15.22
C ARG C 318 49.75 13.60 -14.93
N PRO C 319 50.33 12.60 -15.72
CA PRO C 319 51.70 11.97 -15.72
C PRO C 319 52.93 12.78 -16.32
N GLY C 320 53.39 13.95 -15.82
CA GLY C 320 52.94 14.64 -14.69
C GLY C 320 53.88 14.90 -13.56
N VAL C 321 53.18 15.46 -12.59
CA VAL C 321 53.74 16.05 -11.38
C VAL C 321 52.60 16.02 -10.40
N TYR C 322 52.89 15.63 -9.16
CA TYR C 322 51.82 15.27 -8.28
C TYR C 322 51.73 16.33 -7.19
N THR C 323 50.59 16.99 -7.29
CA THR C 323 50.18 18.04 -6.42
C THR C 323 49.22 17.47 -5.44
N ASP C 324 48.60 16.35 -5.80
CA ASP C 324 47.62 15.78 -4.94
C ASP C 324 48.30 15.08 -3.77
N TYR C 325 49.64 15.15 -3.73
CA TYR C 325 50.39 14.71 -2.58
C TYR C 325 50.34 15.72 -1.47
N ILE C 326 49.97 16.94 -1.78
CA ILE C 326 49.85 17.97 -0.78
C ILE C 326 48.84 17.62 0.32
N TYR C 327 47.67 17.06 -0.05
CA TYR C 327 46.73 16.57 0.94
C TYR C 327 46.90 15.08 1.29
N GLN C 328 47.17 14.26 0.28
CA GLN C 328 47.40 12.84 0.45
C GLN C 328 48.57 12.56 1.36
N GLY C 329 49.61 13.36 1.26
CA GLY C 329 50.77 13.30 2.11
C GLY C 329 50.48 13.24 3.57
N PRO C 330 49.73 14.19 4.15
CA PRO C 330 49.33 14.21 5.54
C PRO C 330 48.49 12.99 5.88
N MET C 331 47.66 12.55 4.97
CA MET C 331 46.84 11.40 5.23
C MET C 331 47.69 10.16 5.51
N ALA C 332 48.73 9.97 4.70
CA ALA C 332 49.68 8.89 4.90
C ALA C 332 50.49 9.07 6.18
N LEU C 333 50.91 10.30 6.47
CA LEU C 333 51.64 10.59 7.71
C LEU C 333 50.80 10.30 8.93
N VAL C 334 49.55 10.69 8.90
CA VAL C 334 48.61 10.44 9.97
C VAL C 334 48.38 8.94 10.19
N LEU C 335 48.18 8.21 9.10
CA LEU C 335 48.05 6.77 9.13
C LEU C 335 49.26 6.10 9.73
N LEU C 336 50.43 6.60 9.34
CA LEU C 336 51.71 6.11 9.77
C LEU C 336 51.84 6.14 11.28
N ILE C 337 51.67 7.32 11.85
CA ILE C 337 51.76 7.49 13.29
C ILE C 337 50.74 6.63 14.00
N ASN C 338 49.61 6.44 13.34
CA ASN C 338 48.54 5.64 13.90
C ASN C 338 48.94 4.17 14.04
N PHE C 339 49.64 3.67 13.02
CA PHE C 339 50.22 2.31 13.06
C PHE C 339 51.18 2.13 14.19
N ILE C 340 52.00 3.15 14.43
CA ILE C 340 52.90 3.14 15.56
C ILE C 340 52.12 2.99 16.84
N PHE C 341 51.06 3.76 16.98
CA PHE C 341 50.20 3.63 18.13
C PHE C 341 49.61 2.24 18.25
N LEU C 342 49.12 1.69 17.16
CA LEU C 342 48.53 0.37 17.19
C LEU C 342 49.50 -0.68 17.66
N PHE C 343 50.75 -0.62 17.18
CA PHE C 343 51.78 -1.54 17.61
C PHE C 343 52.10 -1.39 19.09
N ASN C 344 52.24 -0.14 19.50
CA ASN C 344 52.50 0.19 20.90
C ASN C 344 51.35 -0.27 21.82
N ILE C 345 50.10 -0.13 21.35
CA ILE C 345 48.91 -0.63 22.00
C ILE C 345 48.98 -2.12 22.27
N VAL C 346 49.16 -2.93 21.22
CA VAL C 346 49.27 -4.36 21.37
C VAL C 346 50.45 -4.74 22.25
N ARG C 347 51.57 -4.01 22.12
CA ARG C 347 52.77 -4.34 22.90
C ARG C 347 52.51 -4.22 24.39
N ILE C 348 51.90 -3.13 24.81
CA ILE C 348 51.45 -3.01 26.19
C ILE C 348 50.36 -4.03 26.56
N LEU C 349 49.37 -4.22 25.67
CA LEU C 349 48.29 -5.16 25.96
C LEU C 349 48.79 -6.58 26.19
N MET C 350 49.69 -7.07 25.35
CA MET C 350 50.24 -8.38 25.60
C MET C 350 51.16 -8.42 26.84
N THR C 351 52.21 -7.59 26.81
CA THR C 351 53.21 -7.65 27.85
C THR C 351 52.74 -7.32 29.29
N LYS C 352 52.21 -6.12 29.47
CA LYS C 352 52.05 -5.61 30.83
C LYS C 352 50.62 -5.70 31.32
N LEU C 353 49.76 -6.29 30.50
CA LEU C 353 48.36 -6.33 30.80
C LEU C 353 47.72 -7.67 30.52
N ARG C 354 48.53 -8.70 30.15
CA ARG C 354 47.94 -9.99 29.66
C ARG C 354 46.83 -10.55 30.58
N ALA C 355 47.12 -10.58 31.90
CA ALA C 355 46.16 -11.05 32.91
C ALA C 355 45.36 -9.91 33.57
N SER C 356 45.65 -8.67 33.20
CA SER C 356 44.93 -7.58 33.83
C SER C 356 43.55 -7.43 33.19
N THR C 357 42.53 -7.39 34.04
CA THR C 357 41.16 -7.33 33.57
C THR C 357 40.42 -6.25 34.33
N THR C 358 39.68 -5.43 33.59
CA THR C 358 39.04 -4.25 34.14
C THR C 358 37.98 -3.76 33.12
N SER C 359 37.18 -2.77 33.53
CA SER C 359 36.24 -2.17 32.60
C SER C 359 36.96 -1.52 31.39
N GLU C 360 38.00 -0.71 31.71
CA GLU C 360 38.75 0.00 30.68
C GLU C 360 39.57 -0.88 29.73
N THR C 361 40.22 -1.92 30.29
CA THR C 361 40.93 -2.93 29.46
C THR C 361 39.98 -3.62 28.46
N ILE C 362 38.79 -3.99 28.95
CA ILE C 362 37.79 -4.64 28.10
C ILE C 362 37.45 -3.77 26.85
N GLN C 363 37.24 -2.47 27.04
CA GLN C 363 37.06 -1.60 25.89
C GLN C 363 38.35 -1.54 25.01
N ALA C 364 39.52 -1.54 25.66
CA ALA C 364 40.78 -1.52 24.93
C ALA C 364 40.97 -2.72 23.95
N ARG C 365 40.65 -3.92 24.44
CA ARG C 365 40.73 -5.15 23.63
C ARG C 365 39.72 -5.14 22.47
N LYS C 366 38.48 -4.70 22.75
CA LYS C 366 37.50 -4.63 21.71
C LYS C 366 37.92 -3.62 20.61
N ALA C 367 38.43 -2.47 21.03
CA ALA C 367 38.86 -1.45 20.09
C ALA C 367 39.97 -1.94 19.16
N VAL C 368 40.97 -2.57 19.72
CA VAL C 368 42.02 -3.16 18.91
C VAL C 368 41.45 -4.24 17.96
N LYS C 369 40.56 -5.10 18.46
CA LYS C 369 39.95 -6.13 17.63
C LYS C 369 39.28 -5.55 16.38
N ALA C 370 38.44 -4.54 16.61
CA ALA C 370 37.77 -3.83 15.54
C ALA C 370 38.73 -3.15 14.53
N THR C 371 39.74 -2.45 15.04
CA THR C 371 40.70 -1.78 14.18
C THR C 371 41.45 -2.75 13.28
N LEU C 372 41.83 -3.87 13.87
CA LEU C 372 42.45 -4.95 13.12
C LEU C 372 41.53 -5.46 11.99
N VAL C 373 40.24 -5.63 12.24
CA VAL C 373 39.35 -6.04 11.15
C VAL C 373 39.18 -4.96 10.07
N LEU C 374 38.93 -3.72 10.53
CA LEU C 374 38.61 -2.57 9.68
C LEU C 374 39.71 -2.13 8.74
N LEU C 375 40.93 -2.15 9.27
CA LEU C 375 42.07 -1.68 8.51
C LEU C 375 42.25 -2.41 7.18
N PRO C 376 42.16 -3.72 7.07
CA PRO C 376 42.19 -4.38 5.77
C PRO C 376 41.03 -3.97 4.85
N LEU C 377 39.78 -3.83 5.33
CA LEU C 377 38.67 -3.56 4.41
C LEU C 377 38.82 -2.19 3.72
N LEU C 378 39.09 -1.17 4.53
CA LEU C 378 39.41 0.14 4.00
C LEU C 378 40.68 0.12 3.14
N GLY C 379 41.72 -0.49 3.71
CA GLY C 379 43.05 -0.52 3.17
C GLY C 379 43.21 -1.16 1.84
N ILE C 380 42.50 -2.26 1.57
CA ILE C 380 42.47 -2.85 0.24
C ILE C 380 42.02 -1.83 -0.80
N THR C 381 40.97 -1.06 -0.46
CA THR C 381 40.46 -0.06 -1.39
C THR C 381 41.54 0.96 -1.83
N TYR C 382 42.30 1.43 -0.86
CA TYR C 382 43.38 2.36 -1.15
C TYR C 382 44.46 1.73 -2.03
N MET C 383 44.82 0.48 -1.77
CA MET C 383 45.86 -0.19 -2.57
C MET C 383 45.44 -0.27 -4.04
N LEU C 384 44.19 -0.66 -4.23
CA LEU C 384 43.57 -0.71 -5.52
C LEU C 384 43.68 0.60 -6.25
N ALA C 385 43.49 1.71 -5.60
CA ALA C 385 43.59 2.95 -6.33
C ALA C 385 44.96 3.18 -6.95
N PHE C 386 46.02 2.94 -6.21
CA PHE C 386 47.36 3.18 -6.73
C PHE C 386 47.79 2.28 -7.90
N VAL C 387 47.37 1.03 -7.84
CA VAL C 387 47.51 0.02 -8.93
C VAL C 387 46.36 0.11 -9.95
N ASN C 388 46.48 -0.44 -11.17
CA ASN C 388 45.27 -0.49 -12.01
C ASN C 388 45.18 -1.79 -12.85
N PRO C 389 43.97 -2.45 -13.00
CA PRO C 389 43.82 -3.71 -13.74
C PRO C 389 44.15 -3.44 -15.21
N GLY C 390 44.81 -4.36 -15.91
CA GLY C 390 45.05 -5.71 -15.51
C GLY C 390 45.05 -6.59 -16.72
N GLU C 391 45.32 -7.88 -16.46
CA GLU C 391 45.67 -8.83 -17.52
C GLU C 391 44.62 -8.93 -18.66
N ASP C 392 43.42 -8.42 -18.39
CA ASP C 392 42.30 -8.49 -19.32
C ASP C 392 41.82 -9.94 -19.49
N GLU C 393 41.92 -10.62 -18.36
CA GLU C 393 41.04 -11.73 -18.06
C GLU C 393 39.68 -11.17 -17.69
N VAL C 394 38.81 -12.09 -17.30
CA VAL C 394 37.67 -11.74 -16.47
C VAL C 394 38.15 -11.06 -15.14
N SER C 395 39.47 -11.02 -14.89
CA SER C 395 40.08 -10.27 -13.79
C SER C 395 39.88 -8.77 -13.90
N ARG C 396 39.81 -8.25 -15.13
CA ARG C 396 39.45 -6.85 -15.31
C ARG C 396 38.00 -6.59 -14.83
N VAL C 397 37.09 -7.51 -15.18
CA VAL C 397 35.72 -7.54 -14.64
C VAL C 397 35.64 -7.60 -13.11
N VAL C 398 36.28 -8.62 -12.52
CA VAL C 398 36.29 -8.86 -11.10
C VAL C 398 36.82 -7.65 -10.34
N PHE C 399 37.90 -7.07 -10.83
CA PHE C 399 38.45 -5.88 -10.24
C PHE C 399 37.42 -4.75 -10.22
N ILE C 400 36.78 -4.52 -11.35
CA ILE C 400 35.83 -3.41 -11.45
C ILE C 400 34.59 -3.58 -10.54
N TYR C 401 34.05 -4.80 -10.47
CA TYR C 401 32.96 -5.16 -9.54
C TYR C 401 33.38 -5.02 -8.06
N PHE C 402 34.53 -5.58 -7.77
CA PHE C 402 35.06 -5.69 -6.43
C PHE C 402 35.52 -4.33 -5.86
N ASN C 403 36.13 -3.50 -6.72
CA ASN C 403 36.45 -2.12 -6.36
C ASN C 403 35.20 -1.33 -5.99
N ALA C 404 34.14 -1.47 -6.79
CA ALA C 404 32.96 -0.66 -6.60
C ALA C 404 32.29 -0.98 -5.29
N PHE C 405 32.23 -2.25 -4.97
CA PHE C 405 31.62 -2.68 -3.74
C PHE C 405 32.38 -2.20 -2.48
N LEU C 406 33.70 -2.30 -2.48
CA LEU C 406 34.48 -1.99 -1.29
C LEU C 406 34.54 -0.51 -0.97
N GLU C 407 34.79 0.31 -1.98
CA GLU C 407 34.77 1.74 -1.80
C GLU C 407 33.42 2.28 -1.39
N SER C 408 32.38 1.77 -2.06
CA SER C 408 31.04 2.22 -1.85
C SER C 408 30.43 1.86 -0.52
N PHE C 409 31.00 0.87 0.12
CA PHE C 409 30.53 0.35 1.38
C PHE C 409 31.43 0.76 2.53
N GLN C 410 32.37 1.66 2.29
CA GLN C 410 33.24 2.17 3.33
C GLN C 410 32.45 2.69 4.49
N GLY C 411 31.38 3.40 4.20
CA GLY C 411 30.55 3.97 5.22
C GLY C 411 29.80 2.99 6.08
N PHE C 412 29.22 1.96 5.45
CA PHE C 412 28.57 0.88 6.17
C PHE C 412 29.55 0.19 7.13
N PHE C 413 30.77 -0.04 6.66
CA PHE C 413 31.75 -0.65 7.51
C PHE C 413 32.09 0.23 8.71
N VAL C 414 32.28 1.50 8.48
CA VAL C 414 32.55 2.46 9.56
C VAL C 414 31.40 2.52 10.58
N SER C 415 30.16 2.50 10.11
CA SER C 415 29.03 2.51 11.03
C SER C 415 29.05 1.30 11.97
N VAL C 416 29.31 0.11 11.41
CA VAL C 416 29.46 -1.10 12.21
C VAL C 416 30.55 -0.98 13.25
N PHE C 417 31.69 -0.47 12.87
CA PHE C 417 32.81 -0.32 13.77
C PHE C 417 32.52 0.63 14.98
N ALA C 418 31.91 1.79 14.71
CA ALA C 418 31.53 2.70 15.80
C ALA C 418 30.50 2.09 16.74
N CYS C 419 29.51 1.43 16.14
CA CYS C 419 28.46 0.68 16.82
C CYS C 419 29.02 -0.44 17.66
N PHE C 420 30.09 -1.06 17.16
CA PHE C 420 30.74 -2.17 17.86
C PHE C 420 31.40 -1.69 19.15
N LEU C 421 31.91 -0.45 19.12
CA LEU C 421 32.57 0.13 20.28
C LEU C 421 31.55 0.60 21.32
N ASN C 422 30.49 1.24 20.84
CA ASN C 422 29.44 1.74 21.73
C ASN C 422 28.83 0.61 22.56
#